data_5NOF
#
_entry.id   5NOF
#
_cell.length_a   42.605
_cell.length_b   81.389
_cell.length_c   179.392
_cell.angle_alpha   90.00
_cell.angle_beta   90.00
_cell.angle_gamma   90.00
#
_symmetry.space_group_name_H-M   'P 2 21 21'
#
loop_
_entity.id
_entity.type
_entity.pdbx_description
1 polymer 'Anthranilate phosphoribosyltransferase'
2 non-polymer 'ZINC ION'
3 non-polymer 'SODIUM ION'
4 non-polymer 'CHLORIDE ION'
5 water water
#
_entity_poly.entity_id   1
_entity_poly.type   'polypeptide(L)'
_entity_poly.pdbx_seq_one_letter_code
;MSLLAKIVDGKNLSFEEAYELFNELKGSDGVLIGAYLAALQTKGYTGEELAGLARAMRDSAVKLDLGKVADTAGTGGDGS
STINVSTASALILSAFTRVAKHGNVSITSKSGSANVLEALGLNIRVSPERAREMVESTNFTFIFAPAYHPALRPIMPVRK
ALGIKTVFNVIGPLANPADPAYQVVGVNSPELLEPVAEALEFLGVERALVVHGSGMDEVSPHRETLVLEVGNGVERYTLS
PEDFGIEPVKPLPCSSPEESAARIKAVLGGSGRREDRDFILVNASAALYASGVAEDFREGLEMAREALGQGMLEKLEEIA
CLSKS
;
_entity_poly.pdbx_strand_id   A,B
#
# COMPACT_ATOMS: atom_id res chain seq x y z
N MET A 1 -26.33 -8.50 -5.57
CA MET A 1 -25.59 -8.78 -4.32
C MET A 1 -24.19 -9.41 -4.51
N SER A 2 -23.75 -9.56 -5.76
CA SER A 2 -22.44 -10.11 -6.08
C SER A 2 -21.30 -9.14 -5.71
N LEU A 3 -21.52 -7.82 -5.83
CA LEU A 3 -20.48 -6.84 -5.41
C LEU A 3 -20.29 -6.87 -3.89
N LEU A 4 -21.39 -6.97 -3.15
CA LEU A 4 -21.33 -7.13 -1.69
C LEU A 4 -20.59 -8.41 -1.32
N ALA A 5 -20.95 -9.50 -2.00
CA ALA A 5 -20.28 -10.78 -1.78
C ALA A 5 -18.79 -10.69 -2.09
N LYS A 6 -18.44 -9.93 -3.12
CA LYS A 6 -17.04 -9.76 -3.49
C LYS A 6 -16.28 -9.04 -2.36
N ILE A 7 -16.86 -7.95 -1.85
CA ILE A 7 -16.29 -7.14 -0.74
C ILE A 7 -16.13 -7.93 0.57
N VAL A 8 -17.17 -8.65 0.96
CA VAL A 8 -17.17 -9.45 2.20
C VAL A 8 -16.14 -10.59 2.16
N ASP A 9 -15.87 -11.11 0.97
CA ASP A 9 -14.86 -12.16 0.76
C ASP A 9 -13.41 -11.63 0.75
N GLY A 10 -13.22 -10.32 0.96
CA GLY A 10 -11.88 -9.73 0.98
C GLY A 10 -11.29 -9.39 -0.38
N LYS A 11 -12.10 -9.35 -1.43
CA LYS A 11 -11.61 -8.95 -2.76
C LYS A 11 -11.77 -7.46 -2.96
N ASN A 12 -10.74 -6.84 -3.52
CA ASN A 12 -10.78 -5.44 -3.89
C ASN A 12 -11.50 -5.31 -5.22
N LEU A 13 -12.45 -4.38 -5.28
CA LEU A 13 -13.17 -4.08 -6.51
C LEU A 13 -12.24 -3.37 -7.49
N SER A 14 -12.55 -3.52 -8.77
CA SER A 14 -11.87 -2.78 -9.82
C SER A 14 -12.48 -1.36 -9.86
N PHE A 15 -11.80 -0.48 -10.58
CA PHE A 15 -12.29 0.87 -10.84
C PHE A 15 -13.69 0.84 -11.44
N GLU A 16 -13.88 -0.05 -12.41
CA GLU A 16 -15.12 -0.16 -13.16
C GLU A 16 -16.24 -0.66 -12.23
N GLU A 17 -15.93 -1.67 -11.42
CA GLU A 17 -16.89 -2.19 -10.42
C GLU A 17 -17.27 -1.18 -9.35
N ALA A 18 -16.30 -0.37 -8.91
CA ALA A 18 -16.58 0.68 -7.92
C ALA A 18 -17.44 1.77 -8.53
N TYR A 19 -17.20 2.07 -9.82
CA TYR A 19 -18.06 2.99 -10.56
C TYR A 19 -19.48 2.46 -10.58
N GLU A 20 -19.66 1.20 -10.96
CA GLU A 20 -21.01 0.62 -10.96
C GLU A 20 -21.60 0.50 -9.53
N LEU A 21 -20.75 0.32 -8.52
CA LEU A 21 -21.20 0.32 -7.11
C LEU A 21 -21.89 1.63 -6.71
N PHE A 22 -21.31 2.76 -7.05
CA PHE A 22 -21.97 4.03 -6.79
C PHE A 22 -23.39 4.09 -7.35
N ASN A 23 -23.56 3.65 -8.59
CA ASN A 23 -24.86 3.73 -9.26
C ASN A 23 -25.90 2.76 -8.69
N GLU A 24 -25.44 1.57 -8.28
CA GLU A 24 -26.25 0.68 -7.47
C GLU A 24 -26.64 1.30 -6.10
N LEU A 25 -25.69 1.96 -5.44
CA LEU A 25 -25.97 2.60 -4.13
C LEU A 25 -27.04 3.69 -4.19
N LYS A 26 -27.06 4.49 -5.27
CA LYS A 26 -27.98 5.63 -5.33
C LYS A 26 -29.43 5.21 -5.52
N GLY A 27 -29.66 4.01 -6.06
CA GLY A 27 -31.03 3.47 -6.21
C GLY A 27 -31.30 2.21 -5.39
N SER A 28 -30.70 2.11 -4.22
CA SER A 28 -30.85 0.95 -3.33
C SER A 28 -31.64 1.35 -2.07
N ASP A 29 -32.22 0.36 -1.40
CA ASP A 29 -32.80 0.58 -0.05
C ASP A 29 -31.67 0.80 0.96
N GLY A 30 -32.00 1.53 2.03
CA GLY A 30 -31.04 1.85 3.10
C GLY A 30 -30.33 0.66 3.69
N VAL A 31 -31.03 -0.48 3.78
CA VAL A 31 -30.47 -1.73 4.30
C VAL A 31 -29.22 -2.15 3.52
N LEU A 32 -29.30 -2.08 2.20
CA LEU A 32 -28.20 -2.52 1.34
C LEU A 32 -27.06 -1.49 1.34
N ILE A 33 -27.43 -0.21 1.37
CA ILE A 33 -26.45 0.86 1.46
C ILE A 33 -25.64 0.70 2.75
N GLY A 34 -26.32 0.45 3.86
CA GLY A 34 -25.65 0.26 5.15
C GLY A 34 -24.67 -0.90 5.09
N ALA A 35 -25.12 -2.01 4.54
CA ALA A 35 -24.28 -3.19 4.35
C ALA A 35 -23.05 -2.88 3.53
N TYR A 36 -23.23 -2.13 2.44
CA TYR A 36 -22.11 -1.77 1.57
C TYR A 36 -21.11 -0.87 2.29
N LEU A 37 -21.61 0.15 2.96
CA LEU A 37 -20.73 1.13 3.60
C LEU A 37 -19.93 0.51 4.73
N ALA A 38 -20.61 -0.28 5.56
CA ALA A 38 -19.95 -0.96 6.67
C ALA A 38 -18.93 -2.00 6.19
N ALA A 39 -19.30 -2.78 5.18
CA ALA A 39 -18.42 -3.85 4.66
C ALA A 39 -17.15 -3.32 4.00
N LEU A 40 -17.33 -2.26 3.23
CA LEU A 40 -16.23 -1.60 2.53
C LEU A 40 -15.29 -0.94 3.55
N GLN A 41 -15.85 -0.40 4.62
CA GLN A 41 -15.06 0.21 5.68
C GLN A 41 -14.26 -0.82 6.45
N THR A 42 -14.86 -1.98 6.70
CA THR A 42 -14.13 -3.00 7.45
C THR A 42 -13.01 -3.59 6.58
N LYS A 43 -13.23 -3.75 5.28
CA LYS A 43 -12.21 -4.23 4.36
C LYS A 43 -11.08 -3.21 4.12
N GLY A 44 -11.40 -1.94 4.05
CA GLY A 44 -10.45 -0.91 3.63
C GLY A 44 -10.54 -0.69 2.13
N TYR A 45 -9.95 0.39 1.65
CA TYR A 45 -10.06 0.76 0.25
C TYR A 45 -8.73 0.89 -0.44
N THR A 46 -8.77 0.62 -1.73
CA THR A 46 -7.67 0.84 -2.64
C THR A 46 -7.93 2.17 -3.39
N GLY A 47 -6.91 2.68 -4.09
CA GLY A 47 -7.08 3.87 -4.93
C GLY A 47 -8.03 3.74 -6.10
N GLU A 48 -8.13 2.54 -6.65
CA GLU A 48 -9.05 2.24 -7.75
C GLU A 48 -10.51 2.35 -7.28
N GLU A 49 -10.80 1.81 -6.11
CA GLU A 49 -12.15 1.88 -5.52
C GLU A 49 -12.60 3.31 -5.23
N LEU A 50 -11.67 4.11 -4.69
CA LEU A 50 -11.96 5.51 -4.36
C LEU A 50 -12.22 6.30 -5.61
N ALA A 51 -11.37 6.08 -6.61
CA ALA A 51 -11.44 6.78 -7.88
C ALA A 51 -12.70 6.45 -8.62
N GLY A 52 -13.06 5.16 -8.63
CA GLY A 52 -14.29 4.68 -9.26
C GLY A 52 -15.52 5.30 -8.69
N LEU A 53 -15.63 5.27 -7.36
CA LEU A 53 -16.76 5.89 -6.65
C LEU A 53 -16.80 7.39 -6.84
N ALA A 54 -15.62 8.02 -6.76
CA ALA A 54 -15.54 9.46 -6.91
C ALA A 54 -15.93 9.89 -8.32
N ARG A 55 -15.46 9.14 -9.32
CA ARG A 55 -15.75 9.43 -10.72
C ARG A 55 -17.24 9.35 -10.99
N ALA A 56 -17.87 8.31 -10.45
CA ALA A 56 -19.31 8.10 -10.58
C ALA A 56 -20.12 9.20 -9.91
N MET A 57 -19.66 9.64 -8.75
CA MET A 57 -20.29 10.72 -8.00
C MET A 57 -20.22 12.03 -8.76
N ARG A 58 -19.04 12.37 -9.28
CA ARG A 58 -18.89 13.55 -10.15
C ARG A 58 -19.78 13.50 -11.40
N ASP A 59 -19.79 12.35 -12.08
CA ASP A 59 -20.61 12.17 -13.29
C ASP A 59 -22.12 12.33 -13.00
N SER A 60 -22.58 11.90 -11.82
CA SER A 60 -23.97 12.05 -11.41
C SER A 60 -24.32 13.44 -10.90
N ALA A 61 -23.32 14.31 -10.75
CA ALA A 61 -23.52 15.57 -10.06
C ALA A 61 -24.10 16.64 -10.99
N VAL A 62 -24.72 17.65 -10.38
CA VAL A 62 -25.16 18.86 -11.10
C VAL A 62 -23.95 19.50 -11.77
N LYS A 63 -24.06 19.79 -13.06
CA LYS A 63 -22.90 20.17 -13.89
C LYS A 63 -22.45 21.60 -13.69
N LEU A 64 -21.17 21.84 -13.91
CA LEU A 64 -20.54 23.17 -13.74
C LEU A 64 -19.61 23.49 -14.91
N ASP A 65 -19.62 24.76 -15.32
CA ASP A 65 -18.68 25.29 -16.32
C ASP A 65 -17.81 26.41 -15.74
N LEU A 66 -17.00 26.06 -14.75
CA LEU A 66 -16.04 26.98 -14.15
C LEU A 66 -14.76 26.82 -14.96
N GLY A 67 -13.71 27.51 -14.60
CA GLY A 67 -12.50 27.39 -15.44
C GLY A 67 -11.72 26.09 -15.20
N LYS A 68 -10.42 26.22 -15.36
CA LYS A 68 -9.45 25.42 -14.68
C LYS A 68 -9.46 25.97 -13.25
N VAL A 69 -9.82 25.15 -12.26
CA VAL A 69 -9.95 25.57 -10.87
C VAL A 69 -9.10 24.73 -9.92
N ALA A 70 -8.82 25.32 -8.77
CA ALA A 70 -8.18 24.66 -7.64
C ALA A 70 -9.20 24.42 -6.52
N ASP A 71 -8.86 23.48 -5.64
CA ASP A 71 -9.68 23.11 -4.50
C ASP A 71 -8.76 22.65 -3.38
N THR A 72 -9.20 22.82 -2.15
CA THR A 72 -8.46 22.41 -0.95
C THR A 72 -9.49 21.79 -0.01
N ALA A 73 -9.22 20.60 0.48
CA ALA A 73 -10.18 19.91 1.34
C ALA A 73 -9.52 18.85 2.19
N GLY A 74 -10.26 18.34 3.15
CA GLY A 74 -9.80 17.29 4.02
C GLY A 74 -10.84 16.21 4.15
N THR A 75 -10.38 15.00 4.44
CA THR A 75 -11.30 13.92 4.78
C THR A 75 -12.06 14.17 6.09
N GLY A 76 -11.45 14.95 7.00
CA GLY A 76 -11.97 15.16 8.35
C GLY A 76 -11.79 13.91 9.19
N GLY A 77 -12.53 13.84 10.30
CA GLY A 77 -12.32 12.80 11.33
C GLY A 77 -10.91 12.52 11.84
N ASP A 78 -10.07 13.56 11.87
CA ASP A 78 -8.76 13.55 12.54
C ASP A 78 -8.87 13.46 14.08
N GLY A 79 -7.72 13.45 14.75
CA GLY A 79 -7.61 13.54 16.21
C GLY A 79 -8.73 14.29 16.90
N SER A 80 -8.90 15.57 16.57
CA SER A 80 -9.90 16.43 17.24
C SER A 80 -10.25 17.67 16.38
N SER A 81 -10.55 18.84 16.98
CA SER A 81 -11.23 19.95 16.31
C SER A 81 -10.47 21.27 16.42
N THR A 82 -9.65 21.54 15.43
CA THR A 82 -8.98 22.84 15.26
C THR A 82 -9.75 23.71 14.27
N ILE A 83 -9.29 24.92 14.02
CA ILE A 83 -9.97 25.81 13.08
C ILE A 83 -9.88 25.31 11.65
N ASN A 84 -10.84 25.75 10.82
CA ASN A 84 -10.98 25.26 9.46
C ASN A 84 -10.00 25.98 8.53
N VAL A 85 -8.79 25.43 8.42
CA VAL A 85 -7.76 26.05 7.57
C VAL A 85 -7.98 25.88 6.07
N SER A 86 -8.65 24.80 5.66
CA SER A 86 -8.89 24.57 4.23
C SER A 86 -9.83 25.65 3.62
N THR A 87 -10.79 26.13 4.42
CA THR A 87 -11.59 27.29 4.02
C THR A 87 -10.76 28.60 3.88
N ALA A 88 -9.94 28.89 4.88
CA ALA A 88 -9.05 30.07 4.86
C ALA A 88 -8.01 30.01 3.72
N SER A 89 -7.44 28.84 3.49
CA SER A 89 -6.50 28.63 2.39
C SER A 89 -7.15 28.88 1.04
N ALA A 90 -8.36 28.36 0.86
CA ALA A 90 -9.12 28.54 -0.37
C ALA A 90 -9.44 29.99 -0.66
N LEU A 91 -9.72 30.75 0.40
CA LEU A 91 -10.02 32.17 0.29
C LEU A 91 -8.77 32.96 -0.07
N ILE A 92 -7.66 32.64 0.58
CA ILE A 92 -6.38 33.29 0.31
C ILE A 92 -5.88 32.96 -1.09
N LEU A 93 -6.11 31.72 -1.53
CA LEU A 93 -5.71 31.27 -2.88
C LEU A 93 -6.47 32.03 -3.98
N SER A 94 -7.70 32.45 -3.71
CA SER A 94 -8.49 33.19 -4.68
C SER A 94 -7.92 34.57 -5.03
N ALA A 95 -7.00 35.09 -4.22
CA ALA A 95 -6.23 36.29 -4.57
C ALA A 95 -5.28 36.08 -5.77
N PHE A 96 -4.95 34.83 -6.09
CA PHE A 96 -3.99 34.47 -7.15
C PHE A 96 -4.52 33.63 -8.33
N THR A 97 -5.58 32.84 -8.13
CA THR A 97 -6.04 31.88 -9.15
C THR A 97 -7.47 31.45 -8.86
N ARG A 98 -8.11 30.81 -9.84
CA ARG A 98 -9.51 30.40 -9.71
C ARG A 98 -9.64 29.23 -8.71
N VAL A 99 -10.57 29.38 -7.77
CA VAL A 99 -10.78 28.42 -6.70
C VAL A 99 -12.29 28.05 -6.67
N ALA A 100 -12.57 26.75 -6.72
CA ALA A 100 -13.94 26.21 -6.46
C ALA A 100 -13.88 25.24 -5.27
N LYS A 101 -14.15 25.76 -4.08
CA LYS A 101 -14.07 24.99 -2.83
C LYS A 101 -15.29 24.04 -2.72
N HIS A 102 -15.03 22.74 -2.64
CA HIS A 102 -16.09 21.74 -2.52
C HIS A 102 -16.46 21.54 -1.05
N GLY A 103 -17.76 21.47 -0.78
CA GLY A 103 -18.32 21.51 0.55
C GLY A 103 -18.27 20.24 1.33
N ASN A 104 -18.47 20.36 2.64
CA ASN A 104 -18.41 19.22 3.54
C ASN A 104 -19.59 18.29 3.28
N VAL A 105 -19.27 17.07 2.83
CA VAL A 105 -20.21 15.96 2.93
C VAL A 105 -20.31 15.51 4.43
N SER A 106 -19.26 15.78 5.22
CA SER A 106 -18.91 15.08 6.45
C SER A 106 -19.75 15.45 7.67
N ILE A 107 -19.89 14.48 8.59
CA ILE A 107 -20.66 14.65 9.84
C ILE A 107 -19.86 15.44 10.88
N THR A 108 -18.52 15.34 10.85
CA THR A 108 -17.66 16.23 11.65
C THR A 108 -17.73 17.67 11.10
N SER A 109 -18.87 18.34 11.32
CA SER A 109 -19.14 19.68 10.77
C SER A 109 -19.16 20.81 11.82
N LYS A 110 -18.84 20.51 13.09
CA LYS A 110 -18.60 21.55 14.09
C LYS A 110 -17.22 22.16 13.76
N SER A 111 -17.19 23.47 13.58
CA SER A 111 -16.08 24.18 12.89
C SER A 111 -15.84 23.58 11.47
N GLY A 112 -16.92 23.31 10.75
CA GLY A 112 -16.91 22.69 9.40
C GLY A 112 -17.14 23.69 8.27
N SER A 113 -16.66 23.35 7.08
CA SER A 113 -16.47 24.31 5.97
C SER A 113 -17.70 25.16 5.58
N ALA A 114 -18.83 24.51 5.31
CA ALA A 114 -20.07 25.23 5.05
C ALA A 114 -20.45 26.13 6.22
N ASN A 115 -20.29 25.63 7.44
CA ASN A 115 -20.66 26.37 8.68
C ASN A 115 -19.79 27.63 8.89
N VAL A 116 -18.49 27.49 8.67
CA VAL A 116 -17.57 28.61 8.79
C VAL A 116 -17.87 29.65 7.74
N LEU A 117 -18.12 29.20 6.51
CA LEU A 117 -18.50 30.12 5.42
C LEU A 117 -19.83 30.82 5.66
N GLU A 118 -20.81 30.11 6.21
CA GLU A 118 -22.09 30.74 6.60
C GLU A 118 -21.86 31.82 7.67
N ALA A 119 -21.00 31.49 8.65
CA ALA A 119 -20.66 32.40 9.73
C ALA A 119 -19.85 33.61 9.24
N LEU A 120 -19.08 33.43 8.17
CA LEU A 120 -18.38 34.56 7.52
C LEU A 120 -19.28 35.34 6.57
N GLY A 121 -20.58 35.02 6.52
CA GLY A 121 -21.57 35.83 5.82
C GLY A 121 -22.00 35.36 4.44
N LEU A 122 -21.55 34.19 4.00
CA LEU A 122 -21.95 33.65 2.68
C LEU A 122 -23.30 32.95 2.74
N ASN A 123 -24.03 33.03 1.63
CA ASN A 123 -25.06 32.06 1.29
C ASN A 123 -24.27 30.91 0.65
N ILE A 124 -24.31 29.75 1.29
CA ILE A 124 -23.51 28.59 0.84
C ILE A 124 -24.14 27.76 -0.29
N ARG A 125 -25.43 27.95 -0.56
CA ARG A 125 -26.07 27.27 -1.68
C ARG A 125 -26.15 28.25 -2.85
N VAL A 126 -25.35 28.00 -3.86
CA VAL A 126 -25.35 28.82 -5.07
C VAL A 126 -25.59 27.95 -6.31
N SER A 127 -26.42 28.44 -7.19
CA SER A 127 -26.69 27.79 -8.47
C SER A 127 -25.41 27.74 -9.31
N PRO A 128 -25.33 26.82 -10.29
CA PRO A 128 -24.16 26.73 -11.16
C PRO A 128 -23.84 28.02 -11.92
N GLU A 129 -24.88 28.75 -12.32
CA GLU A 129 -24.70 30.02 -13.01
C GLU A 129 -24.12 31.06 -12.03
N ARG A 130 -24.65 31.13 -10.82
CA ARG A 130 -24.09 32.01 -9.79
C ARG A 130 -22.65 31.64 -9.41
N ALA A 131 -22.36 30.35 -9.35
CA ALA A 131 -21.00 29.87 -9.11
C ALA A 131 -20.05 30.41 -10.17
N ARG A 132 -20.42 30.27 -11.44
CA ARG A 132 -19.63 30.81 -12.56
C ARG A 132 -19.48 32.34 -12.43
N GLU A 133 -20.55 33.07 -12.10
CA GLU A 133 -20.48 34.53 -11.85
C GLU A 133 -19.44 34.86 -10.78
N MET A 134 -19.46 34.08 -9.69
CA MET A 134 -18.54 34.30 -8.57
C MET A 134 -17.07 33.99 -8.92
N VAL A 135 -16.81 32.99 -9.76
CA VAL A 135 -15.43 32.69 -10.15
C VAL A 135 -14.91 33.73 -11.15
N GLU A 136 -15.77 34.21 -12.05
CA GLU A 136 -15.37 35.25 -13.03
C GLU A 136 -14.92 36.55 -12.35
N SER A 137 -15.68 37.01 -11.36
CA SER A 137 -15.42 38.32 -10.72
C SER A 137 -14.65 38.31 -9.39
N THR A 138 -14.63 37.18 -8.66
CA THR A 138 -13.86 37.09 -7.40
C THR A 138 -12.84 35.95 -7.33
N ASN A 139 -12.82 35.06 -8.32
CA ASN A 139 -11.96 33.86 -8.30
C ASN A 139 -12.27 32.82 -7.21
N PHE A 140 -13.39 32.99 -6.50
CA PHE A 140 -13.80 32.05 -5.47
C PHE A 140 -15.26 31.71 -5.63
N THR A 141 -15.58 30.42 -5.56
CA THR A 141 -16.93 30.00 -5.19
C THR A 141 -16.92 28.78 -4.29
N PHE A 142 -18.06 28.52 -3.68
CA PHE A 142 -18.25 27.39 -2.79
C PHE A 142 -19.32 26.50 -3.38
N ILE A 143 -19.00 25.22 -3.51
CA ILE A 143 -19.90 24.21 -4.04
C ILE A 143 -20.36 23.35 -2.89
N PHE A 144 -21.61 23.53 -2.47
CA PHE A 144 -22.18 22.84 -1.32
C PHE A 144 -22.68 21.47 -1.74
N ALA A 145 -22.08 20.41 -1.20
CA ALA A 145 -22.24 19.06 -1.76
C ALA A 145 -23.69 18.56 -1.80
N PRO A 146 -24.45 18.74 -0.71
CA PRO A 146 -25.83 18.28 -0.76
C PRO A 146 -26.65 18.88 -1.92
N ALA A 147 -26.36 20.14 -2.25
CA ALA A 147 -27.02 20.83 -3.38
C ALA A 147 -26.58 20.30 -4.75
N TYR A 148 -25.32 19.92 -4.87
CA TYR A 148 -24.74 19.52 -6.16
C TYR A 148 -24.72 18.01 -6.41
N HIS A 149 -24.95 17.22 -5.37
CA HIS A 149 -24.99 15.75 -5.50
C HIS A 149 -26.36 15.21 -5.09
N PRO A 150 -27.36 15.29 -5.99
CA PRO A 150 -28.66 14.69 -5.68
C PRO A 150 -28.63 13.17 -5.42
N ALA A 151 -27.62 12.47 -5.95
CA ALA A 151 -27.44 11.03 -5.69
C ALA A 151 -27.22 10.67 -4.21
N LEU A 152 -26.73 11.62 -3.42
CA LEU A 152 -26.54 11.45 -1.98
C LEU A 152 -27.79 11.52 -1.12
N ARG A 153 -28.91 11.98 -1.66
CA ARG A 153 -30.16 12.06 -0.90
C ARG A 153 -30.53 10.77 -0.11
N PRO A 154 -30.47 9.57 -0.73
CA PRO A 154 -30.61 8.32 0.05
C PRO A 154 -29.40 7.94 0.92
N ILE A 155 -28.18 8.34 0.50
CA ILE A 155 -26.94 7.98 1.20
C ILE A 155 -26.79 8.67 2.58
N MET A 156 -27.21 9.93 2.69
CA MET A 156 -26.91 10.75 3.90
C MET A 156 -27.60 10.25 5.18
N PRO A 157 -28.90 9.88 5.12
CA PRO A 157 -29.55 9.28 6.31
C PRO A 157 -28.82 8.04 6.83
N VAL A 158 -28.35 7.21 5.89
CA VAL A 158 -27.67 5.97 6.23
C VAL A 158 -26.34 6.27 6.90
N ARG A 159 -25.63 7.31 6.46
CA ARG A 159 -24.40 7.72 7.12
C ARG A 159 -24.61 8.26 8.53
N LYS A 160 -25.75 8.93 8.78
CA LYS A 160 -26.05 9.44 10.14
C LYS A 160 -26.40 8.27 11.07
N ALA A 161 -27.30 7.40 10.61
CA ALA A 161 -27.72 6.23 11.40
C ALA A 161 -26.55 5.33 11.81
N LEU A 162 -25.58 5.14 10.92
CA LEU A 162 -24.44 4.24 11.17
C LEU A 162 -23.45 4.84 12.15
N GLY A 163 -23.20 6.15 12.03
CA GLY A 163 -22.29 6.86 12.93
C GLY A 163 -20.92 6.24 13.02
N ILE A 164 -20.35 5.93 11.86
CA ILE A 164 -18.94 5.57 11.72
C ILE A 164 -18.37 6.33 10.54
N LYS A 165 -17.06 6.37 10.42
CA LYS A 165 -16.42 6.83 9.18
C LYS A 165 -16.82 5.85 8.08
N THR A 166 -17.20 6.37 6.91
CA THR A 166 -17.43 5.53 5.73
C THR A 166 -16.54 6.03 4.62
N VAL A 167 -16.62 5.38 3.47
CA VAL A 167 -15.91 5.80 2.27
C VAL A 167 -16.30 7.21 1.78
N PHE A 168 -17.49 7.68 2.15
CA PHE A 168 -17.96 9.01 1.74
C PHE A 168 -17.20 10.15 2.38
N ASN A 169 -16.58 9.91 3.53
CA ASN A 169 -15.64 10.86 4.13
C ASN A 169 -14.44 11.09 3.22
N VAL A 170 -13.99 10.04 2.55
CA VAL A 170 -12.77 10.10 1.75
C VAL A 170 -13.05 10.59 0.34
N ILE A 171 -14.15 10.15 -0.28
CA ILE A 171 -14.43 10.55 -1.67
C ILE A 171 -15.12 11.90 -1.81
N GLY A 172 -15.67 12.45 -0.71
CA GLY A 172 -16.21 13.81 -0.71
C GLY A 172 -15.25 14.83 -1.34
N PRO A 173 -14.02 14.93 -0.81
CA PRO A 173 -12.96 15.77 -1.40
C PRO A 173 -12.57 15.42 -2.84
N LEU A 174 -12.71 14.15 -3.21
CA LEU A 174 -12.41 13.72 -4.57
C LEU A 174 -13.56 13.87 -5.55
N ALA A 175 -14.72 14.33 -5.08
CA ALA A 175 -15.93 14.38 -5.90
C ALA A 175 -16.39 15.81 -6.24
N ASN A 176 -15.47 16.76 -6.33
CA ASN A 176 -15.78 18.11 -6.75
C ASN A 176 -16.23 18.07 -8.20
N PRO A 177 -17.50 18.47 -8.47
CA PRO A 177 -18.03 18.37 -9.84
C PRO A 177 -17.46 19.38 -10.85
N ALA A 178 -16.78 20.43 -10.37
CA ALA A 178 -15.98 21.29 -11.24
C ALA A 178 -14.70 20.64 -11.85
N ASP A 179 -14.34 19.42 -11.43
CA ASP A 179 -13.12 18.74 -11.91
C ASP A 179 -11.86 19.61 -11.76
N PRO A 180 -11.45 19.88 -10.50
CA PRO A 180 -10.34 20.79 -10.26
C PRO A 180 -9.06 20.27 -10.87
N ALA A 181 -8.29 21.15 -11.52
CA ALA A 181 -6.99 20.73 -12.07
C ALA A 181 -5.96 20.64 -10.95
N TYR A 182 -6.17 21.40 -9.86
CA TYR A 182 -5.23 21.47 -8.76
C TYR A 182 -5.94 21.17 -7.46
N GLN A 183 -5.35 20.33 -6.62
CA GLN A 183 -5.95 19.96 -5.33
C GLN A 183 -4.95 19.78 -4.20
N VAL A 184 -5.28 20.29 -3.03
CA VAL A 184 -4.69 19.81 -1.79
C VAL A 184 -5.75 18.96 -1.09
N VAL A 185 -5.41 17.76 -0.67
CA VAL A 185 -6.32 16.90 0.06
C VAL A 185 -5.63 16.43 1.32
N GLY A 186 -6.20 16.78 2.47
CA GLY A 186 -5.72 16.28 3.75
C GLY A 186 -6.40 14.98 4.11
N VAL A 187 -5.63 14.04 4.68
CA VAL A 187 -6.14 12.75 5.12
C VAL A 187 -5.86 12.54 6.61
N ASN A 188 -6.81 11.89 7.29
CA ASN A 188 -6.73 11.70 8.75
C ASN A 188 -5.76 10.60 9.21
N SER A 189 -5.32 9.71 8.32
CA SER A 189 -4.33 8.71 8.66
C SER A 189 -3.32 8.49 7.54
N PRO A 190 -2.07 8.07 7.88
CA PRO A 190 -1.08 7.82 6.83
C PRO A 190 -1.45 6.71 5.84
N GLU A 191 -2.34 5.79 6.27
CA GLU A 191 -2.83 4.69 5.43
C GLU A 191 -3.67 5.15 4.22
N LEU A 192 -4.26 6.36 4.29
CA LEU A 192 -5.02 6.91 3.15
C LEU A 192 -4.16 7.69 2.16
N LEU A 193 -2.90 7.97 2.50
CA LEU A 193 -2.01 8.70 1.60
C LEU A 193 -1.91 8.07 0.21
N GLU A 194 -1.52 6.79 0.17
CA GLU A 194 -1.34 6.10 -1.09
C GLU A 194 -2.66 5.96 -1.90
N PRO A 195 -3.75 5.41 -1.31
CA PRO A 195 -4.99 5.33 -2.06
C PRO A 195 -5.48 6.65 -2.66
N VAL A 196 -5.39 7.73 -1.86
CA VAL A 196 -5.93 9.02 -2.28
C VAL A 196 -5.06 9.63 -3.37
N ALA A 197 -3.74 9.48 -3.26
CA ALA A 197 -2.82 9.95 -4.30
C ALA A 197 -3.10 9.19 -5.61
N GLU A 198 -3.33 7.89 -5.50
CA GLU A 198 -3.60 7.06 -6.65
C GLU A 198 -4.94 7.43 -7.30
N ALA A 199 -5.94 7.67 -6.47
CA ALA A 199 -7.27 8.06 -6.94
C ALA A 199 -7.21 9.39 -7.70
N LEU A 200 -6.44 10.34 -7.19
CA LEU A 200 -6.25 11.62 -7.88
C LEU A 200 -5.55 11.47 -9.22
N GLU A 201 -4.63 10.53 -9.34
CA GLU A 201 -4.07 10.12 -10.65
C GLU A 201 -5.18 9.67 -11.63
N PHE A 202 -5.97 8.66 -11.25
CA PHE A 202 -7.14 8.20 -12.06
C PHE A 202 -8.09 9.34 -12.45
N LEU A 203 -8.34 10.26 -11.54
CA LEU A 203 -9.21 11.41 -11.80
C LEU A 203 -8.57 12.52 -12.64
N GLY A 204 -7.32 12.32 -13.09
CA GLY A 204 -6.71 13.19 -14.07
C GLY A 204 -6.42 14.60 -13.60
N VAL A 205 -5.93 14.70 -12.38
CA VAL A 205 -5.55 15.97 -11.80
C VAL A 205 -4.20 16.39 -12.37
N GLU A 206 -3.99 17.69 -12.50
CA GLU A 206 -2.77 18.23 -13.11
C GLU A 206 -1.65 18.23 -12.08
N ARG A 207 -1.97 18.73 -10.89
CA ARG A 207 -1.05 18.69 -9.75
C ARG A 207 -1.87 18.57 -8.45
N ALA A 208 -1.41 17.75 -7.52
CA ALA A 208 -2.09 17.59 -6.25
C ALA A 208 -1.13 17.25 -5.13
N LEU A 209 -1.44 17.73 -3.92
CA LEU A 209 -0.74 17.31 -2.71
C LEU A 209 -1.71 16.56 -1.82
N VAL A 210 -1.34 15.35 -1.43
CA VAL A 210 -2.06 14.61 -0.40
C VAL A 210 -1.19 14.72 0.83
N VAL A 211 -1.75 15.27 1.91
CA VAL A 211 -0.99 15.68 3.08
C VAL A 211 -1.52 15.01 4.35
N HIS A 212 -0.62 14.73 5.28
CA HIS A 212 -0.98 14.26 6.63
C HIS A 212 0.04 14.80 7.64
N GLY A 213 -0.44 15.68 8.51
CA GLY A 213 0.43 16.43 9.43
C GLY A 213 0.35 15.95 10.87
N SER A 214 0.99 14.82 11.13
CA SER A 214 1.14 14.28 12.48
C SER A 214 -0.18 14.31 13.27
N GLY A 215 -1.09 13.42 12.89
CA GLY A 215 -2.43 13.32 13.48
C GLY A 215 -3.49 14.29 12.96
N MET A 216 -3.18 15.08 11.93
CA MET A 216 -4.11 16.05 11.37
C MET A 216 -4.32 15.83 9.90
N ASP A 217 -5.54 16.08 9.42
CA ASP A 217 -5.81 16.09 7.98
C ASP A 217 -5.47 17.45 7.35
N GLU A 218 -4.29 17.96 7.65
CA GLU A 218 -3.85 19.28 7.22
C GLU A 218 -2.35 19.32 7.25
N VAL A 219 -1.78 20.37 6.67
CA VAL A 219 -0.36 20.66 6.85
C VAL A 219 -0.16 21.15 8.30
N SER A 220 0.80 20.54 8.99
CA SER A 220 1.08 20.88 10.40
C SER A 220 2.01 22.06 10.45
N PRO A 221 1.73 23.03 11.35
CA PRO A 221 2.69 24.09 11.66
C PRO A 221 3.59 23.75 12.88
N HIS A 222 3.49 22.55 13.42
CA HIS A 222 4.19 22.18 14.66
C HIS A 222 5.20 21.08 14.36
N ARG A 223 4.72 19.89 14.00
CA ARG A 223 5.56 18.70 13.82
C ARG A 223 5.66 18.46 12.29
N GLU A 224 6.00 17.24 11.87
CA GLU A 224 6.25 16.97 10.44
C GLU A 224 4.96 16.71 9.65
N THR A 225 5.01 16.94 8.34
CA THR A 225 3.90 16.63 7.44
C THR A 225 4.39 15.64 6.36
N LEU A 226 3.68 14.51 6.23
CA LEU A 226 3.89 13.56 5.14
C LEU A 226 3.18 14.08 3.91
N VAL A 227 3.89 14.16 2.79
CA VAL A 227 3.29 14.64 1.55
C VAL A 227 3.50 13.61 0.45
N LEU A 228 2.43 13.37 -0.30
CA LEU A 228 2.51 12.68 -1.60
C LEU A 228 2.14 13.72 -2.68
N GLU A 229 3.04 13.98 -3.62
CA GLU A 229 2.79 14.92 -4.69
C GLU A 229 2.48 14.17 -5.97
N VAL A 230 1.33 14.49 -6.58
CA VAL A 230 0.84 13.85 -7.80
C VAL A 230 1.01 14.85 -8.96
N GLY A 231 1.52 14.37 -10.09
CA GLY A 231 1.85 15.24 -11.22
C GLY A 231 2.60 14.49 -12.30
N ASN A 232 3.93 14.48 -12.19
CA ASN A 232 4.78 13.57 -13.00
C ASN A 232 5.00 12.27 -12.21
N GLY A 233 3.96 11.45 -12.16
CA GLY A 233 3.94 10.27 -11.29
C GLY A 233 3.65 10.70 -9.86
N VAL A 234 4.18 9.98 -8.89
CA VAL A 234 3.93 10.22 -7.48
C VAL A 234 5.24 10.33 -6.72
N GLU A 235 5.41 11.41 -5.96
CA GLU A 235 6.63 11.75 -5.23
C GLU A 235 6.31 11.80 -3.73
N ARG A 236 7.07 11.08 -2.90
CA ARG A 236 6.91 11.12 -1.44
C ARG A 236 8.00 11.99 -0.84
N TYR A 237 7.60 12.86 0.08
CA TYR A 237 8.56 13.63 0.87
C TYR A 237 7.92 14.13 2.17
N THR A 238 8.78 14.55 3.09
CA THR A 238 8.38 15.05 4.41
C THR A 238 8.71 16.54 4.53
N LEU A 239 7.77 17.29 5.10
CA LEU A 239 7.96 18.72 5.35
C LEU A 239 7.97 18.97 6.85
N SER A 240 8.44 20.16 7.21
CA SER A 240 8.44 20.63 8.59
C SER A 240 8.17 22.14 8.55
N PRO A 241 7.90 22.75 9.71
CA PRO A 241 7.68 24.21 9.72
C PRO A 241 8.86 25.05 9.18
N GLU A 242 10.07 24.50 9.30
CA GLU A 242 11.29 25.14 8.77
C GLU A 242 11.22 25.34 7.25
N ASP A 243 10.63 24.36 6.55
CA ASP A 243 10.45 24.42 5.09
C ASP A 243 9.53 25.54 4.60
N PHE A 244 8.67 26.07 5.48
CA PHE A 244 7.81 27.23 5.16
C PHE A 244 8.37 28.54 5.69
N GLY A 245 9.42 28.46 6.51
CA GLY A 245 10.07 29.63 7.08
C GLY A 245 9.37 30.18 8.31
N ILE A 246 8.86 29.29 9.15
CA ILE A 246 8.21 29.70 10.40
C ILE A 246 8.75 28.91 11.55
N GLU A 247 8.54 29.44 12.76
CA GLU A 247 8.88 28.72 13.98
C GLU A 247 7.75 27.74 14.24
N PRO A 248 8.09 26.51 14.69
CA PRO A 248 7.03 25.60 15.05
C PRO A 248 6.04 26.24 16.01
N VAL A 249 4.77 25.93 15.85
CA VAL A 249 3.74 26.38 16.79
C VAL A 249 2.55 25.40 16.76
N LYS A 250 2.01 25.12 17.94
CA LYS A 250 0.91 24.20 18.11
C LYS A 250 -0.39 24.86 17.72
N PRO A 251 -1.17 24.21 16.82
CA PRO A 251 -2.51 24.76 16.55
C PRO A 251 -3.41 24.42 17.72
N LEU A 252 -4.25 25.39 18.11
CA LEU A 252 -5.08 25.24 19.29
C LEU A 252 -6.55 25.06 18.92
N PRO A 253 -7.33 24.33 19.76
CA PRO A 253 -8.70 23.97 19.50
C PRO A 253 -9.70 25.10 19.33
N CYS A 254 -10.88 24.70 18.87
CA CYS A 254 -11.96 25.60 18.50
C CYS A 254 -13.26 24.97 19.01
N SER A 255 -14.17 25.81 19.49
CA SER A 255 -15.40 25.34 20.14
C SER A 255 -16.63 25.32 19.23
N SER A 256 -16.72 26.29 18.33
CA SER A 256 -17.91 26.47 17.48
C SER A 256 -17.56 27.15 16.14
N PRO A 257 -18.41 26.99 15.10
CA PRO A 257 -18.19 27.68 13.82
C PRO A 257 -18.08 29.21 13.89
N GLU A 258 -18.74 29.84 14.86
CA GLU A 258 -18.70 31.29 15.03
C GLU A 258 -17.34 31.74 15.56
N GLU A 259 -16.77 30.95 16.48
CA GLU A 259 -15.41 31.19 16.97
C GLU A 259 -14.41 30.98 15.81
N SER A 260 -14.64 29.92 15.03
CA SER A 260 -13.82 29.58 13.84
C SER A 260 -13.79 30.76 12.85
N ALA A 261 -14.96 31.33 12.58
CA ALA A 261 -15.10 32.45 11.64
C ALA A 261 -14.37 33.71 12.08
N ALA A 262 -14.48 34.05 13.37
CA ALA A 262 -13.86 35.24 13.92
C ALA A 262 -12.33 35.15 13.87
N ARG A 263 -11.80 33.99 14.24
CA ARG A 263 -10.35 33.77 14.25
C ARG A 263 -9.76 33.80 12.84
N ILE A 264 -10.46 33.18 11.90
CA ILE A 264 -10.08 33.20 10.49
C ILE A 264 -10.12 34.63 9.94
N LYS A 265 -11.21 35.35 10.21
CA LYS A 265 -11.38 36.70 9.70
C LYS A 265 -10.28 37.62 10.24
N ALA A 266 -9.99 37.49 11.53
CA ALA A 266 -8.86 38.19 12.13
C ALA A 266 -7.54 37.96 11.38
N VAL A 267 -7.24 36.70 11.07
CA VAL A 267 -6.04 36.35 10.32
C VAL A 267 -6.08 36.91 8.89
N LEU A 268 -7.22 36.76 8.23
CA LEU A 268 -7.39 37.24 6.83
C LEU A 268 -7.17 38.75 6.68
N GLY A 269 -7.57 39.51 7.72
CA GLY A 269 -7.37 40.96 7.74
C GLY A 269 -6.00 41.45 8.17
N GLY A 270 -5.06 40.54 8.40
CA GLY A 270 -3.66 40.88 8.69
C GLY A 270 -3.31 40.82 10.17
N SER A 271 -4.24 40.36 11.00
CA SER A 271 -4.15 40.40 12.45
C SER A 271 -4.18 38.96 13.01
N GLY A 272 -4.95 38.73 14.07
CA GLY A 272 -5.22 37.39 14.59
C GLY A 272 -4.09 36.79 15.40
N ARG A 273 -4.36 35.63 15.97
CA ARG A 273 -3.43 34.90 16.83
C ARG A 273 -2.32 34.23 16.02
N ARG A 274 -1.09 34.21 16.55
CA ARG A 274 0.05 33.57 15.89
C ARG A 274 -0.24 32.11 15.53
N GLU A 275 -0.79 31.35 16.47
CA GLU A 275 -1.08 29.92 16.26
C GLU A 275 -2.09 29.67 15.13
N ASP A 276 -3.02 30.61 14.95
CA ASP A 276 -3.95 30.57 13.83
C ASP A 276 -3.33 31.07 12.53
N ARG A 277 -2.60 32.19 12.59
CA ARG A 277 -2.02 32.78 11.40
C ARG A 277 -1.04 31.81 10.72
N ASP A 278 -0.10 31.26 11.49
CA ASP A 278 0.94 30.38 10.92
C ASP A 278 0.37 29.04 10.40
N PHE A 279 -0.70 28.58 11.04
CA PHE A 279 -1.40 27.34 10.68
C PHE A 279 -2.15 27.52 9.37
N ILE A 280 -2.81 28.67 9.23
CA ILE A 280 -3.49 29.02 7.97
C ILE A 280 -2.47 29.20 6.85
N LEU A 281 -1.37 29.89 7.16
CA LEU A 281 -0.37 30.23 6.14
C LEU A 281 0.37 29.02 5.58
N VAL A 282 0.65 27.99 6.39
CA VAL A 282 1.32 26.78 5.88
C VAL A 282 0.39 25.99 4.97
N ASN A 283 -0.90 26.06 5.26
CA ASN A 283 -1.90 25.38 4.46
C ASN A 283 -2.18 26.19 3.19
N ALA A 284 -2.21 27.51 3.29
CA ALA A 284 -2.31 28.37 2.11
C ALA A 284 -1.10 28.19 1.18
N SER A 285 0.09 28.09 1.75
CA SER A 285 1.32 27.86 0.97
C SER A 285 1.25 26.60 0.13
N ALA A 286 0.78 25.50 0.72
CA ALA A 286 0.62 24.24 0.03
C ALA A 286 -0.34 24.40 -1.16
N ALA A 287 -1.44 25.13 -0.94
CA ALA A 287 -2.44 25.39 -1.98
C ALA A 287 -1.89 26.25 -3.13
N LEU A 288 -1.09 27.28 -2.81
CA LEU A 288 -0.36 28.07 -3.82
C LEU A 288 0.67 27.22 -4.57
N TYR A 289 1.37 26.35 -3.86
CA TYR A 289 2.27 25.42 -4.50
C TYR A 289 1.54 24.43 -5.43
N ALA A 290 0.50 23.78 -4.92
CA ALA A 290 -0.34 22.87 -5.73
C ALA A 290 -0.92 23.52 -6.97
N SER A 291 -1.33 24.78 -6.86
CA SER A 291 -1.85 25.57 -7.99
C SER A 291 -0.80 26.07 -8.98
N GLY A 292 0.49 25.91 -8.67
CA GLY A 292 1.54 26.42 -9.53
C GLY A 292 1.69 27.94 -9.51
N VAL A 293 1.10 28.59 -8.52
CA VAL A 293 1.28 30.00 -8.26
C VAL A 293 2.65 30.28 -7.60
N ALA A 294 3.11 29.36 -6.76
CA ALA A 294 4.37 29.51 -6.05
C ALA A 294 5.28 28.37 -6.43
N GLU A 295 6.58 28.65 -6.50
CA GLU A 295 7.59 27.67 -6.94
C GLU A 295 7.91 26.68 -5.82
N ASP A 296 7.91 27.15 -4.57
CA ASP A 296 8.14 26.27 -3.41
C ASP A 296 7.32 26.77 -2.23
N PHE A 297 7.41 26.06 -1.10
CA PHE A 297 6.58 26.30 0.08
C PHE A 297 6.91 27.59 0.86
N ARG A 298 8.18 28.01 0.81
CA ARG A 298 8.61 29.29 1.40
C ARG A 298 8.02 30.45 0.65
N GLU A 299 8.12 30.41 -0.67
CA GLU A 299 7.52 31.42 -1.54
C GLU A 299 5.99 31.41 -1.38
N GLY A 300 5.40 30.21 -1.30
CA GLY A 300 3.96 30.07 -1.06
C GLY A 300 3.50 30.82 0.19
N LEU A 301 4.27 30.70 1.26
CA LEU A 301 3.95 31.38 2.50
C LEU A 301 4.16 32.90 2.38
N GLU A 302 5.28 33.31 1.80
CA GLU A 302 5.57 34.73 1.56
C GLU A 302 4.38 35.39 0.87
N MET A 303 3.99 34.84 -0.28
CA MET A 303 2.88 35.36 -1.10
C MET A 303 1.55 35.40 -0.31
N ALA A 304 1.26 34.32 0.42
CA ALA A 304 0.01 34.24 1.19
C ALA A 304 -0.04 35.26 2.33
N ARG A 305 1.05 35.39 3.07
CA ARG A 305 1.18 36.42 4.12
C ARG A 305 0.98 37.84 3.60
N GLU A 306 1.50 38.14 2.40
CA GLU A 306 1.36 39.48 1.78
C GLU A 306 -0.06 39.75 1.26
N ALA A 307 -0.80 38.70 0.90
CA ALA A 307 -2.21 38.85 0.52
C ALA A 307 -3.14 39.22 1.68
N LEU A 308 -2.70 39.02 2.92
CA LEU A 308 -3.52 39.31 4.10
C LEU A 308 -3.57 40.82 4.34
N GLY A 309 -4.74 41.32 4.72
CA GLY A 309 -4.94 42.75 4.96
C GLY A 309 -6.32 43.20 4.53
N GLN A 310 -6.48 44.50 4.36
CA GLN A 310 -7.78 45.11 4.07
C GLN A 310 -8.37 44.63 2.74
N GLY A 311 -7.51 44.40 1.76
CA GLY A 311 -7.93 43.89 0.43
C GLY A 311 -8.60 42.52 0.48
N MET A 312 -8.11 41.64 1.36
CA MET A 312 -8.70 40.31 1.57
C MET A 312 -10.07 40.38 2.26
N LEU A 313 -10.22 41.27 3.23
CA LEU A 313 -11.50 41.50 3.91
C LEU A 313 -12.57 42.08 2.97
N GLU A 314 -12.19 42.99 2.08
CA GLU A 314 -13.13 43.49 1.07
C GLU A 314 -13.40 42.43 -0.01
N LYS A 315 -12.41 41.57 -0.29
CA LYS A 315 -12.66 40.43 -1.18
C LYS A 315 -13.72 39.50 -0.61
N LEU A 316 -13.63 39.23 0.69
CA LEU A 316 -14.60 38.43 1.43
C LEU A 316 -15.99 39.06 1.49
N GLU A 317 -16.05 40.38 1.73
CA GLU A 317 -17.31 41.14 1.65
C GLU A 317 -17.97 40.92 0.27
N GLU A 318 -17.19 41.05 -0.82
CA GLU A 318 -17.74 40.94 -2.18
C GLU A 318 -18.19 39.51 -2.51
N ILE A 319 -17.44 38.50 -2.04
CA ILE A 319 -17.87 37.08 -2.13
C ILE A 319 -19.22 36.86 -1.42
N ALA A 320 -19.34 37.38 -0.21
CA ALA A 320 -20.59 37.24 0.57
C ALA A 320 -21.75 37.92 -0.15
N CYS A 321 -21.60 39.22 -0.41
CA CYS A 321 -22.59 39.98 -1.19
C CYS A 321 -23.03 39.23 -2.46
N LEU A 322 -22.06 38.79 -3.25
CA LEU A 322 -22.32 38.13 -4.54
C LEU A 322 -22.97 36.74 -4.39
N SER A 323 -22.71 36.04 -3.27
CA SER A 323 -23.37 34.76 -3.01
C SER A 323 -24.86 34.92 -2.71
N LYS A 324 -25.27 36.07 -2.14
CA LYS A 324 -26.67 36.34 -1.79
C LYS A 324 -27.42 37.23 -2.78
N SER A 325 -26.76 37.75 -3.81
CA SER A 325 -27.38 38.67 -4.76
C SER A 325 -28.27 37.92 -5.78
N MET B 1 14.98 -32.97 28.28
CA MET B 1 13.76 -33.62 27.77
C MET B 1 12.45 -32.92 28.19
N SER B 2 12.55 -31.78 28.86
CA SER B 2 11.37 -31.01 29.27
C SER B 2 10.69 -30.32 28.06
N LEU B 3 11.47 -29.90 27.06
CA LEU B 3 10.89 -29.33 25.83
C LEU B 3 10.10 -30.38 25.06
N LEU B 4 10.66 -31.59 24.94
CA LEU B 4 9.92 -32.69 24.32
C LEU B 4 8.64 -32.99 25.08
N ALA B 5 8.74 -33.05 26.40
CA ALA B 5 7.57 -33.28 27.24
C ALA B 5 6.53 -32.19 27.05
N LYS B 6 6.98 -30.96 26.89
CA LYS B 6 6.06 -29.82 26.69
C LYS B 6 5.30 -30.00 25.36
N ILE B 7 6.04 -30.33 24.30
CA ILE B 7 5.49 -30.54 22.93
C ILE B 7 4.51 -31.72 22.85
N VAL B 8 4.90 -32.86 23.44
CA VAL B 8 4.04 -34.05 23.42
C VAL B 8 2.73 -33.87 24.21
N ASP B 9 2.77 -33.02 25.23
CA ASP B 9 1.58 -32.66 26.02
C ASP B 9 0.64 -31.64 25.31
N GLY B 10 0.98 -31.23 24.09
CA GLY B 10 0.16 -30.31 23.32
C GLY B 10 0.36 -28.85 23.62
N LYS B 11 1.45 -28.50 24.31
CA LYS B 11 1.69 -27.11 24.70
C LYS B 11 2.59 -26.43 23.67
N ASN B 12 2.23 -25.20 23.32
CA ASN B 12 3.00 -24.43 22.36
C ASN B 12 4.19 -23.79 23.06
N LEU B 13 5.36 -23.94 22.48
CA LEU B 13 6.57 -23.34 23.02
C LEU B 13 6.55 -21.82 22.80
N SER B 14 7.32 -21.14 23.63
CA SER B 14 7.56 -19.71 23.44
C SER B 14 8.63 -19.54 22.37
N PHE B 15 8.77 -18.29 21.91
CA PHE B 15 9.83 -17.91 20.99
C PHE B 15 11.20 -18.31 21.51
N GLU B 16 11.42 -18.03 22.78
CA GLU B 16 12.71 -18.23 23.44
C GLU B 16 12.99 -19.75 23.53
N GLU B 17 11.98 -20.52 23.92
CA GLU B 17 12.08 -21.97 23.99
C GLU B 17 12.33 -22.62 22.62
N ALA B 18 11.68 -22.10 21.57
CA ALA B 18 11.89 -22.60 20.21
C ALA B 18 13.30 -22.26 19.72
N TYR B 19 13.80 -21.08 20.11
CA TYR B 19 15.19 -20.72 19.84
C TYR B 19 16.11 -21.72 20.50
N GLU B 20 15.91 -22.01 21.78
CA GLU B 20 16.77 -23.00 22.44
C GLU B 20 16.56 -24.42 21.87
N LEU B 21 15.36 -24.73 21.38
CA LEU B 21 15.11 -26.01 20.71
C LEU B 21 16.00 -26.26 19.50
N PHE B 22 16.13 -25.25 18.64
CA PHE B 22 17.05 -25.39 17.50
C PHE B 22 18.46 -25.77 17.95
N ASN B 23 18.97 -25.11 18.99
CA ASN B 23 20.34 -25.29 19.44
C ASN B 23 20.57 -26.65 20.12
N GLU B 24 19.57 -27.12 20.86
CA GLU B 24 19.53 -28.50 21.33
C GLU B 24 19.50 -29.51 20.15
N LEU B 25 18.70 -29.24 19.12
CA LEU B 25 18.62 -30.14 17.95
C LEU B 25 19.94 -30.30 17.19
N LYS B 26 20.72 -29.23 17.06
CA LYS B 26 21.93 -29.29 16.21
C LYS B 26 23.04 -30.11 16.86
N GLY B 27 23.01 -30.25 18.19
CA GLY B 27 23.98 -31.07 18.92
C GLY B 27 23.39 -32.28 19.62
N SER B 28 22.35 -32.88 19.04
CA SER B 28 21.65 -34.02 19.61
C SER B 28 21.91 -35.29 18.78
N ASP B 29 21.71 -36.47 19.40
CA ASP B 29 21.66 -37.74 18.68
C ASP B 29 20.41 -37.77 17.78
N GLY B 30 20.51 -38.54 16.69
CA GLY B 30 19.42 -38.69 15.72
C GLY B 30 18.09 -39.11 16.32
N VAL B 31 18.16 -39.95 17.36
CA VAL B 31 16.98 -40.44 18.07
C VAL B 31 16.14 -39.29 18.63
N LEU B 32 16.81 -38.33 19.25
CA LEU B 32 16.11 -37.21 19.87
C LEU B 32 15.61 -36.20 18.83
N ILE B 33 16.41 -36.00 17.78
CA ILE B 33 16.00 -35.14 16.68
C ILE B 33 14.74 -35.69 16.04
N GLY B 34 14.71 -37.00 15.79
CA GLY B 34 13.55 -37.64 15.19
C GLY B 34 12.32 -37.44 16.03
N ALA B 35 12.47 -37.69 17.34
CA ALA B 35 11.38 -37.48 18.30
C ALA B 35 10.85 -36.05 18.26
N TYR B 36 11.77 -35.09 18.22
CA TYR B 36 11.38 -33.67 18.19
C TYR B 36 10.64 -33.31 16.90
N LEU B 37 11.18 -33.72 15.76
CA LEU B 37 10.61 -33.35 14.47
C LEU B 37 9.24 -33.96 14.29
N ALA B 38 9.11 -35.24 14.62
CA ALA B 38 7.82 -35.93 14.52
C ALA B 38 6.77 -35.34 15.48
N ALA B 39 7.17 -35.08 16.72
CA ALA B 39 6.25 -34.57 17.75
C ALA B 39 5.72 -33.17 17.44
N LEU B 40 6.63 -32.31 16.98
CA LEU B 40 6.31 -30.95 16.62
C LEU B 40 5.37 -30.93 15.38
N GLN B 41 5.60 -31.86 14.46
CA GLN B 41 4.75 -31.97 13.28
C GLN B 41 3.36 -32.45 13.63
N THR B 42 3.26 -33.41 14.56
CA THR B 42 1.95 -33.91 14.98
C THR B 42 1.14 -32.81 15.68
N LYS B 43 1.82 -32.03 16.54
CA LYS B 43 1.18 -30.94 17.27
C LYS B 43 0.79 -29.76 16.37
N GLY B 44 1.61 -29.44 15.36
CA GLY B 44 1.44 -28.23 14.58
C GLY B 44 2.24 -27.11 15.20
N TYR B 45 2.39 -26.01 14.46
CA TYR B 45 3.22 -24.88 14.90
C TYR B 45 2.48 -23.57 14.98
N THR B 46 2.96 -22.72 15.88
CA THR B 46 2.52 -21.35 16.03
C THR B 46 3.59 -20.47 15.36
N GLY B 47 3.27 -19.19 15.17
CA GLY B 47 4.23 -18.21 14.63
C GLY B 47 5.44 -17.94 15.52
N GLU B 48 5.26 -18.01 16.83
CA GLU B 48 6.35 -17.83 17.79
C GLU B 48 7.39 -18.96 17.66
N GLU B 49 6.91 -20.20 17.52
CA GLU B 49 7.78 -21.36 17.37
C GLU B 49 8.60 -21.30 16.07
N LEU B 50 7.94 -20.89 14.98
CA LEU B 50 8.58 -20.82 13.67
C LEU B 50 9.67 -19.75 13.69
N ALA B 51 9.32 -18.60 14.28
CA ALA B 51 10.20 -17.46 14.36
C ALA B 51 11.41 -17.76 15.21
N GLY B 52 11.18 -18.41 16.34
CA GLY B 52 12.27 -18.83 17.24
C GLY B 52 13.27 -19.77 16.57
N LEU B 53 12.75 -20.80 15.92
CA LEU B 53 13.57 -21.76 15.16
C LEU B 53 14.30 -21.09 14.01
N ALA B 54 13.58 -20.23 13.29
CA ALA B 54 14.17 -19.55 12.14
C ALA B 54 15.27 -18.59 12.58
N ARG B 55 15.04 -17.87 13.68
CA ARG B 55 16.04 -16.93 14.22
C ARG B 55 17.33 -17.66 14.62
N ALA B 56 17.17 -18.80 15.27
CA ALA B 56 18.28 -19.66 15.68
C ALA B 56 19.06 -20.20 14.51
N MET B 57 18.34 -20.63 13.48
CA MET B 57 18.94 -21.14 12.26
C MET B 57 19.74 -20.06 11.54
N ARG B 58 19.17 -18.87 11.39
CA ARG B 58 19.93 -17.72 10.84
C ARG B 58 21.17 -17.36 11.65
N ASP B 59 21.04 -17.32 12.97
CA ASP B 59 22.17 -17.00 13.85
C ASP B 59 23.31 -18.03 13.74
N SER B 60 22.96 -19.30 13.54
CA SER B 60 23.95 -20.37 13.33
C SER B 60 24.55 -20.41 11.92
N ALA B 61 24.02 -19.62 11.01
CA ALA B 61 24.37 -19.72 9.59
C ALA B 61 25.63 -18.94 9.27
N VAL B 62 26.28 -19.33 8.16
CA VAL B 62 27.45 -18.63 7.63
C VAL B 62 27.06 -17.18 7.34
N LYS B 63 27.87 -16.25 7.85
CA LYS B 63 27.51 -14.82 7.90
C LYS B 63 27.63 -14.17 6.50
N LEU B 64 26.61 -13.40 6.12
CA LEU B 64 26.69 -12.58 4.91
C LEU B 64 25.82 -11.34 5.02
N ASP B 65 26.37 -10.22 4.57
CA ASP B 65 25.77 -8.91 4.66
C ASP B 65 25.81 -8.44 3.21
N LEU B 66 24.75 -8.75 2.48
CA LEU B 66 24.42 -8.04 1.25
C LEU B 66 23.61 -6.81 1.65
N GLY B 67 22.93 -6.16 0.74
CA GLY B 67 22.24 -4.94 1.13
C GLY B 67 20.96 -5.16 1.90
N LYS B 68 20.03 -4.26 1.65
CA LYS B 68 18.62 -4.51 1.83
C LYS B 68 18.26 -5.38 0.61
N VAL B 69 17.83 -6.62 0.84
CA VAL B 69 17.54 -7.57 -0.24
C VAL B 69 16.14 -8.15 -0.14
N ALA B 70 15.66 -8.61 -1.29
CA ALA B 70 14.41 -9.35 -1.43
C ALA B 70 14.68 -10.83 -1.69
N ASP B 71 13.69 -11.65 -1.39
CA ASP B 71 13.77 -13.10 -1.56
C ASP B 71 12.35 -13.61 -1.87
N THR B 72 12.27 -14.70 -2.60
CA THR B 72 11.00 -15.34 -2.97
C THR B 72 11.18 -16.83 -2.78
N ALA B 73 10.30 -17.46 -2.04
CA ALA B 73 10.42 -18.88 -1.76
C ALA B 73 9.08 -19.52 -1.44
N GLY B 74 9.10 -20.85 -1.41
CA GLY B 74 7.93 -21.63 -1.03
C GLY B 74 8.30 -22.68 -0.03
N THR B 75 7.34 -23.08 0.79
CA THR B 75 7.53 -24.25 1.65
C THR B 75 7.70 -25.54 0.85
N GLY B 76 7.12 -25.59 -0.36
CA GLY B 76 7.11 -26.79 -1.19
C GLY B 76 6.15 -27.83 -0.63
N GLY B 77 6.37 -29.08 -1.04
CA GLY B 77 5.55 -30.22 -0.66
C GLY B 77 4.48 -30.23 -1.73
N ASP B 78 3.45 -29.43 -1.46
CA ASP B 78 2.51 -28.93 -2.45
C ASP B 78 1.53 -29.99 -2.95
N GLY B 79 2.04 -30.91 -3.76
CA GLY B 79 1.25 -31.96 -4.42
C GLY B 79 1.60 -32.10 -5.90
N SER B 80 1.25 -31.08 -6.68
CA SER B 80 1.50 -31.05 -8.12
C SER B 80 2.91 -30.54 -8.43
N SER B 81 3.38 -30.81 -9.66
CA SER B 81 4.77 -30.51 -10.09
C SER B 81 4.84 -29.63 -11.35
N THR B 82 4.79 -28.33 -11.13
CA THR B 82 4.80 -27.31 -12.15
C THR B 82 6.19 -26.69 -12.21
N ILE B 83 6.40 -25.74 -13.11
CA ILE B 83 7.72 -25.10 -13.25
C ILE B 83 8.04 -24.22 -12.05
N ASN B 84 9.32 -23.98 -11.83
CA ASN B 84 9.80 -23.26 -10.64
C ASN B 84 9.62 -21.74 -10.85
N VAL B 85 8.46 -21.22 -10.46
CA VAL B 85 8.19 -19.79 -10.63
C VAL B 85 8.92 -18.87 -9.65
N SER B 86 9.24 -19.37 -8.46
CA SER B 86 9.96 -18.55 -7.47
C SER B 86 11.39 -18.20 -7.95
N THR B 87 12.03 -19.11 -8.66
CA THR B 87 13.32 -18.82 -9.33
C THR B 87 13.19 -17.78 -10.45
N ALA B 88 12.19 -17.93 -11.31
CA ALA B 88 11.94 -16.98 -12.40
C ALA B 88 11.56 -15.59 -11.89
N SER B 89 10.71 -15.54 -10.85
CA SER B 89 10.34 -14.29 -10.23
C SER B 89 11.54 -13.56 -9.64
N ALA B 90 12.40 -14.31 -8.95
CA ALA B 90 13.63 -13.76 -8.36
C ALA B 90 14.58 -13.17 -9.39
N LEU B 91 14.65 -13.82 -10.56
CA LEU B 91 15.50 -13.37 -11.65
C LEU B 91 14.94 -12.10 -12.28
N ILE B 92 13.62 -12.09 -12.50
CA ILE B 92 12.92 -10.92 -13.06
C ILE B 92 12.99 -9.75 -12.10
N LEU B 93 12.89 -10.03 -10.80
CA LEU B 93 12.94 -8.99 -9.76
C LEU B 93 14.32 -8.30 -9.71
N SER B 94 15.37 -9.03 -10.06
CA SER B 94 16.72 -8.46 -10.06
C SER B 94 16.92 -7.35 -11.10
N ALA B 95 16.03 -7.24 -12.09
CA ALA B 95 15.98 -6.08 -12.97
C ALA B 95 15.60 -4.76 -12.29
N PHE B 96 14.99 -4.84 -11.11
CA PHE B 96 14.49 -3.66 -10.38
C PHE B 96 15.07 -3.39 -8.96
N THR B 97 15.59 -4.42 -8.28
CA THR B 97 16.01 -4.30 -6.89
C THR B 97 16.93 -5.46 -6.51
N ARG B 98 17.62 -5.33 -5.38
CA ARG B 98 18.57 -6.37 -4.94
C ARG B 98 17.81 -7.63 -4.48
N VAL B 99 18.26 -8.77 -4.98
CA VAL B 99 17.65 -10.07 -4.73
C VAL B 99 18.72 -11.06 -4.22
N ALA B 100 18.46 -11.68 -3.06
CA ALA B 100 19.26 -12.81 -2.56
C ALA B 100 18.35 -14.04 -2.37
N LYS B 101 18.28 -14.87 -3.42
CA LYS B 101 17.41 -16.06 -3.43
C LYS B 101 17.99 -17.16 -2.53
N HIS B 102 17.24 -17.57 -1.51
CA HIS B 102 17.66 -18.63 -0.60
C HIS B 102 17.27 -20.00 -1.17
N GLY B 103 18.22 -20.95 -1.08
CA GLY B 103 18.11 -22.24 -1.76
C GLY B 103 17.19 -23.23 -1.08
N ASN B 104 16.89 -24.30 -1.82
CA ASN B 104 15.92 -25.31 -1.39
C ASN B 104 16.39 -26.10 -0.17
N VAL B 105 15.65 -25.93 0.91
CA VAL B 105 15.83 -26.65 2.16
C VAL B 105 15.48 -28.15 2.03
N SER B 106 14.51 -28.47 1.17
CA SER B 106 14.03 -29.85 0.94
C SER B 106 14.94 -30.64 -0.02
N ILE B 107 15.01 -31.96 0.16
CA ILE B 107 15.78 -32.84 -0.73
C ILE B 107 15.03 -33.14 -2.04
N THR B 108 13.70 -33.15 -1.98
CA THR B 108 12.86 -33.47 -3.14
C THR B 108 12.90 -32.32 -4.16
N SER B 109 14.01 -32.24 -4.91
CA SER B 109 14.23 -31.13 -5.85
C SER B 109 14.08 -31.32 -7.37
N LYS B 110 13.08 -32.08 -7.79
CA LYS B 110 12.78 -32.27 -9.22
C LYS B 110 12.06 -31.00 -9.69
N SER B 111 12.61 -30.36 -10.72
CA SER B 111 12.30 -28.96 -11.05
C SER B 111 12.50 -28.01 -9.84
N GLY B 112 13.61 -28.21 -9.11
CA GLY B 112 13.92 -27.47 -7.86
C GLY B 112 14.94 -26.35 -8.03
N SER B 113 14.90 -25.35 -7.16
CA SER B 113 15.59 -24.05 -7.35
C SER B 113 17.09 -24.11 -7.71
N ALA B 114 17.88 -24.77 -6.88
CA ALA B 114 19.30 -24.98 -7.20
C ALA B 114 19.47 -25.69 -8.54
N ASN B 115 18.64 -26.70 -8.80
CA ASN B 115 18.74 -27.51 -10.04
C ASN B 115 18.40 -26.70 -11.31
N VAL B 116 17.35 -25.87 -11.23
CA VAL B 116 16.98 -25.00 -12.33
C VAL B 116 18.08 -23.98 -12.61
N LEU B 117 18.62 -23.41 -11.54
CA LEU B 117 19.71 -22.44 -11.68
C LEU B 117 20.99 -23.06 -12.23
N GLU B 118 21.31 -24.29 -11.80
CA GLU B 118 22.46 -25.02 -12.40
C GLU B 118 22.24 -25.26 -13.89
N ALA B 119 21.00 -25.65 -14.24
CA ALA B 119 20.62 -25.90 -15.63
C ALA B 119 20.61 -24.63 -16.47
N LEU B 120 20.35 -23.48 -15.85
CA LEU B 120 20.47 -22.18 -16.53
C LEU B 120 21.91 -21.67 -16.60
N GLY B 121 22.88 -22.46 -16.11
CA GLY B 121 24.30 -22.15 -16.30
C GLY B 121 25.01 -21.50 -15.14
N LEU B 122 24.36 -21.41 -13.98
CA LEU B 122 25.03 -20.87 -12.79
C LEU B 122 25.85 -21.92 -12.06
N ASN B 123 26.91 -21.45 -11.42
CA ASN B 123 27.53 -22.14 -10.31
C ASN B 123 26.69 -21.70 -9.11
N ILE B 124 26.02 -22.65 -8.47
CA ILE B 124 25.12 -22.36 -7.33
C ILE B 124 25.82 -22.22 -5.96
N ARG B 125 27.08 -22.64 -5.87
CA ARG B 125 27.84 -22.55 -4.63
C ARG B 125 28.75 -21.33 -4.72
N VAL B 126 28.38 -20.27 -4.00
CA VAL B 126 29.13 -19.03 -4.04
C VAL B 126 29.51 -18.61 -2.63
N SER B 127 30.77 -18.20 -2.47
CA SER B 127 31.27 -17.66 -1.22
C SER B 127 30.52 -16.37 -0.88
N PRO B 128 30.53 -15.97 0.40
CA PRO B 128 29.86 -14.72 0.79
C PRO B 128 30.42 -13.46 0.08
N GLU B 129 31.71 -13.45 -0.22
CA GLU B 129 32.34 -12.36 -0.94
C GLU B 129 31.85 -12.35 -2.38
N ARG B 130 31.80 -13.52 -3.02
CA ARG B 130 31.25 -13.64 -4.38
C ARG B 130 29.76 -13.27 -4.45
N ALA B 131 29.01 -13.65 -3.42
CA ALA B 131 27.61 -13.27 -3.30
C ALA B 131 27.46 -11.75 -3.32
N ARG B 132 28.25 -11.06 -2.48
CA ARG B 132 28.27 -9.60 -2.44
C ARG B 132 28.65 -9.00 -3.81
N GLU B 133 29.68 -9.55 -4.45
CA GLU B 133 30.08 -9.12 -5.82
C GLU B 133 28.91 -9.22 -6.80
N MET B 134 28.18 -10.33 -6.73
CA MET B 134 27.04 -10.57 -7.61
C MET B 134 25.86 -9.63 -7.36
N VAL B 135 25.61 -9.28 -6.10
CA VAL B 135 24.50 -8.35 -5.82
C VAL B 135 24.85 -6.92 -6.21
N GLU B 136 26.12 -6.53 -6.03
CA GLU B 136 26.57 -5.17 -6.40
C GLU B 136 26.41 -4.92 -7.91
N SER B 137 26.82 -5.88 -8.74
CA SER B 137 26.86 -5.67 -10.20
C SER B 137 25.70 -6.27 -11.02
N THR B 138 24.96 -7.24 -10.47
CA THR B 138 23.80 -7.82 -11.16
C THR B 138 22.49 -7.79 -10.39
N ASN B 139 22.52 -7.38 -9.12
CA ASN B 139 21.33 -7.40 -8.25
C ASN B 139 20.74 -8.79 -7.92
N PHE B 140 21.44 -9.87 -8.30
CA PHE B 140 21.00 -11.22 -8.00
C PHE B 140 22.16 -12.04 -7.44
N THR B 141 21.90 -12.77 -6.36
CA THR B 141 22.70 -13.94 -6.03
C THR B 141 21.83 -15.07 -5.46
N PHE B 142 22.43 -16.25 -5.40
CA PHE B 142 21.79 -17.44 -4.90
C PHE B 142 22.56 -17.94 -3.68
N ILE B 143 21.84 -18.17 -2.59
CA ILE B 143 22.40 -18.66 -1.33
C ILE B 143 21.97 -20.11 -1.18
N PHE B 144 22.92 -21.03 -1.40
CA PHE B 144 22.65 -22.47 -1.38
C PHE B 144 22.67 -22.98 0.05
N ALA B 145 21.52 -23.45 0.53
CA ALA B 145 21.30 -23.63 1.98
C ALA B 145 22.24 -24.65 2.63
N PRO B 146 22.48 -25.80 1.97
CA PRO B 146 23.41 -26.74 2.60
C PRO B 146 24.79 -26.14 2.87
N ALA B 147 25.26 -25.25 1.99
CA ALA B 147 26.54 -24.55 2.14
C ALA B 147 26.53 -23.52 3.27
N TYR B 148 25.41 -22.82 3.43
CA TYR B 148 25.30 -21.70 4.39
C TYR B 148 24.74 -22.08 5.76
N HIS B 149 24.18 -23.29 5.89
CA HIS B 149 23.69 -23.80 7.17
C HIS B 149 24.42 -25.07 7.61
N PRO B 150 25.68 -24.99 8.05
CA PRO B 150 26.40 -26.20 8.47
C PRO B 150 25.76 -26.95 9.65
N ALA B 151 24.97 -26.26 10.48
CA ALA B 151 24.28 -26.90 11.61
C ALA B 151 23.23 -27.92 11.19
N LEU B 152 22.73 -27.85 9.95
CA LEU B 152 21.80 -28.85 9.41
C LEU B 152 22.42 -30.19 9.02
N ARG B 153 23.74 -30.27 8.90
CA ARG B 153 24.42 -31.51 8.47
C ARG B 153 23.97 -32.78 9.25
N PRO B 154 23.89 -32.73 10.61
CA PRO B 154 23.27 -33.84 11.37
C PRO B 154 21.75 -33.99 11.23
N ILE B 155 21.04 -32.89 11.00
CA ILE B 155 19.57 -32.92 10.81
C ILE B 155 19.14 -33.61 9.49
N MET B 156 19.92 -33.51 8.42
CA MET B 156 19.50 -34.01 7.10
C MET B 156 19.26 -35.52 7.00
N PRO B 157 20.17 -36.35 7.54
CA PRO B 157 19.91 -37.81 7.58
C PRO B 157 18.60 -38.17 8.28
N VAL B 158 18.32 -37.46 9.37
CA VAL B 158 17.11 -37.71 10.15
C VAL B 158 15.87 -37.35 9.34
N ARG B 159 15.93 -36.28 8.55
CA ARG B 159 14.82 -35.92 7.68
C ARG B 159 14.58 -36.91 6.55
N LYS B 160 15.64 -37.55 6.05
CA LYS B 160 15.50 -38.57 4.99
C LYS B 160 14.90 -39.84 5.57
N ALA B 161 15.46 -40.31 6.69
CA ALA B 161 14.95 -41.51 7.36
C ALA B 161 13.46 -41.43 7.73
N LEU B 162 13.00 -40.26 8.18
CA LEU B 162 11.61 -40.05 8.60
C LEU B 162 10.65 -40.02 7.42
N GLY B 163 11.05 -39.38 6.34
CA GLY B 163 10.23 -39.26 5.13
C GLY B 163 8.85 -38.69 5.40
N ILE B 164 8.80 -37.59 6.16
CA ILE B 164 7.60 -36.81 6.34
C ILE B 164 7.97 -35.33 6.18
N LYS B 165 6.95 -34.50 5.99
CA LYS B 165 7.11 -33.06 6.11
C LYS B 165 7.50 -32.77 7.56
N THR B 166 8.49 -31.91 7.75
CA THR B 166 8.86 -31.45 9.09
C THR B 166 8.79 -29.94 9.11
N VAL B 167 9.09 -29.36 10.26
CA VAL B 167 9.19 -27.91 10.42
C VAL B 167 10.29 -27.28 9.52
N PHE B 168 11.28 -28.07 9.11
CA PHE B 168 12.35 -27.55 8.27
C PHE B 168 11.91 -27.17 6.85
N ASN B 169 10.82 -27.78 6.38
CA ASN B 169 10.16 -27.32 5.17
C ASN B 169 9.66 -25.87 5.27
N VAL B 170 9.17 -25.51 6.45
CA VAL B 170 8.54 -24.21 6.65
C VAL B 170 9.57 -23.15 7.00
N ILE B 171 10.56 -23.47 7.85
CA ILE B 171 11.52 -22.45 8.29
C ILE B 171 12.67 -22.23 7.30
N GLY B 172 12.87 -23.14 6.34
CA GLY B 172 13.84 -22.93 5.26
C GLY B 172 13.73 -21.55 4.62
N PRO B 173 12.53 -21.21 4.09
CA PRO B 173 12.24 -19.86 3.56
C PRO B 173 12.41 -18.71 4.58
N LEU B 174 12.19 -18.99 5.85
CA LEU B 174 12.35 -17.97 6.90
C LEU B 174 13.78 -17.87 7.43
N ALA B 175 14.70 -18.69 6.94
CA ALA B 175 16.07 -18.77 7.48
C ALA B 175 17.15 -18.27 6.50
N ASN B 176 16.79 -17.34 5.61
CA ASN B 176 17.75 -16.73 4.69
C ASN B 176 18.74 -15.92 5.55
N PRO B 177 20.05 -16.29 5.50
CA PRO B 177 21.03 -15.60 6.35
C PRO B 177 21.37 -14.16 5.92
N ALA B 178 21.02 -13.77 4.71
CA ALA B 178 21.03 -12.36 4.32
C ALA B 178 19.99 -11.43 5.02
N ASP B 179 19.05 -11.99 5.82
CA ASP B 179 17.99 -11.21 6.51
C ASP B 179 17.22 -10.31 5.51
N PRO B 180 16.45 -10.92 4.60
CA PRO B 180 15.81 -10.14 3.52
C PRO B 180 14.79 -9.17 4.09
N ALA B 181 14.78 -7.94 3.60
CA ALA B 181 13.80 -6.96 4.07
C ALA B 181 12.45 -7.22 3.44
N TYR B 182 12.45 -7.83 2.25
CA TYR B 182 11.24 -8.10 1.48
C TYR B 182 11.15 -9.57 1.13
N GLN B 183 9.98 -10.17 1.31
CA GLN B 183 9.78 -11.59 1.03
C GLN B 183 8.41 -11.91 0.47
N VAL B 184 8.38 -12.76 -0.56
CA VAL B 184 7.16 -13.52 -0.88
C VAL B 184 7.40 -14.95 -0.43
N VAL B 185 6.48 -15.51 0.33
CA VAL B 185 6.61 -16.87 0.84
C VAL B 185 5.33 -17.61 0.52
N GLY B 186 5.44 -18.65 -0.29
CA GLY B 186 4.31 -19.52 -0.59
C GLY B 186 4.20 -20.64 0.43
N VAL B 187 2.97 -20.95 0.82
CA VAL B 187 2.70 -22.06 1.75
C VAL B 187 1.74 -23.08 1.10
N ASN B 188 1.98 -24.35 1.41
CA ASN B 188 1.22 -25.45 0.77
C ASN B 188 -0.19 -25.67 1.32
N SER B 189 -0.52 -25.11 2.48
CA SER B 189 -1.88 -25.17 3.01
C SER B 189 -2.30 -23.85 3.66
N PRO B 190 -3.63 -23.54 3.65
CA PRO B 190 -4.09 -22.29 4.28
C PRO B 190 -3.80 -22.18 5.77
N GLU B 191 -3.64 -23.33 6.44
CA GLU B 191 -3.34 -23.35 7.88
C GLU B 191 -1.95 -22.81 8.25
N LEU B 192 -1.03 -22.76 7.30
CA LEU B 192 0.29 -22.13 7.54
C LEU B 192 0.31 -20.61 7.30
N LEU B 193 -0.72 -20.06 6.68
CA LEU B 193 -0.76 -18.62 6.39
C LEU B 193 -0.55 -17.78 7.66
N GLU B 194 -1.37 -18.00 8.69
CA GLU B 194 -1.26 -17.20 9.90
C GLU B 194 0.10 -17.38 10.63
N PRO B 195 0.51 -18.62 10.96
CA PRO B 195 1.84 -18.79 11.60
C PRO B 195 3.00 -18.15 10.85
N VAL B 196 3.03 -18.31 9.54
CA VAL B 196 4.16 -17.84 8.73
C VAL B 196 4.17 -16.31 8.64
N ALA B 197 2.98 -15.71 8.52
CA ALA B 197 2.86 -14.25 8.53
C ALA B 197 3.33 -13.71 9.88
N GLU B 198 2.93 -14.38 10.96
CA GLU B 198 3.30 -13.97 12.31
C GLU B 198 4.81 -14.11 12.52
N ALA B 199 5.38 -15.21 12.04
CA ALA B 199 6.81 -15.46 12.19
C ALA B 199 7.64 -14.39 11.46
N LEU B 200 7.19 -14.00 10.27
CA LEU B 200 7.85 -12.92 9.54
C LEU B 200 7.79 -11.58 10.27
N GLU B 201 6.69 -11.32 10.98
CA GLU B 201 6.60 -10.17 11.89
C GLU B 201 7.70 -10.23 12.98
N PHE B 202 7.75 -11.32 13.76
CA PHE B 202 8.83 -11.54 14.76
C PHE B 202 10.24 -11.39 14.20
N LEU B 203 10.47 -11.86 12.98
CA LEU B 203 11.77 -11.72 12.32
C LEU B 203 12.06 -10.32 11.74
N GLY B 204 11.14 -9.37 11.93
CA GLY B 204 11.39 -7.98 11.55
C GLY B 204 11.57 -7.72 10.07
N VAL B 205 10.73 -8.34 9.26
CA VAL B 205 10.68 -8.09 7.82
C VAL B 205 9.98 -6.74 7.58
N GLU B 206 10.38 -6.05 6.52
CA GLU B 206 9.86 -4.73 6.22
C GLU B 206 8.51 -4.85 5.54
N ARG B 207 8.45 -5.73 4.54
CA ARG B 207 7.21 -6.07 3.85
C ARG B 207 7.26 -7.52 3.37
N ALA B 208 6.17 -8.25 3.54
CA ALA B 208 6.11 -9.63 3.06
C ALA B 208 4.72 -10.04 2.65
N LEU B 209 4.63 -10.91 1.65
CA LEU B 209 3.39 -11.55 1.27
C LEU B 209 3.51 -13.04 1.54
N VAL B 210 2.57 -13.58 2.32
CA VAL B 210 2.44 -15.00 2.49
C VAL B 210 1.25 -15.38 1.64
N VAL B 211 1.47 -16.30 0.71
CA VAL B 211 0.50 -16.58 -0.38
C VAL B 211 0.13 -18.05 -0.40
N HIS B 212 -1.11 -18.34 -0.77
CA HIS B 212 -1.58 -19.70 -1.03
C HIS B 212 -2.61 -19.68 -2.15
N GLY B 213 -2.25 -20.27 -3.28
CA GLY B 213 -3.04 -20.20 -4.50
C GLY B 213 -3.77 -21.48 -4.83
N SER B 214 -4.86 -21.73 -4.10
CA SER B 214 -5.76 -22.85 -4.38
C SER B 214 -5.00 -24.15 -4.67
N GLY B 215 -4.45 -24.72 -3.60
CA GLY B 215 -3.63 -25.93 -3.66
C GLY B 215 -2.17 -25.80 -4.07
N MET B 216 -1.68 -24.57 -4.21
CA MET B 216 -0.30 -24.31 -4.63
C MET B 216 0.39 -23.43 -3.60
N ASP B 217 1.69 -23.67 -3.41
CA ASP B 217 2.54 -22.77 -2.62
C ASP B 217 3.07 -21.61 -3.49
N GLU B 218 2.17 -20.97 -4.24
CA GLU B 218 2.51 -19.94 -5.20
C GLU B 218 1.28 -19.13 -5.44
N VAL B 219 1.46 -17.98 -6.12
CA VAL B 219 0.32 -17.23 -6.63
C VAL B 219 -0.26 -18.01 -7.82
N SER B 220 -1.57 -18.20 -7.80
CA SER B 220 -2.26 -18.95 -8.85
C SER B 220 -2.59 -18.02 -10.00
N PRO B 221 -2.37 -18.47 -11.25
CA PRO B 221 -2.88 -17.77 -12.41
C PRO B 221 -4.25 -18.28 -12.89
N HIS B 222 -4.88 -19.20 -12.15
CA HIS B 222 -6.11 -19.87 -12.57
C HIS B 222 -7.24 -19.50 -11.62
N ARG B 223 -7.17 -19.95 -10.37
CA ARG B 223 -8.25 -19.76 -9.38
C ARG B 223 -7.77 -18.66 -8.39
N GLU B 224 -8.33 -18.59 -7.19
CA GLU B 224 -8.03 -17.49 -6.25
C GLU B 224 -6.72 -17.72 -5.48
N THR B 225 -6.12 -16.63 -4.99
CA THR B 225 -4.95 -16.69 -4.11
C THR B 225 -5.28 -15.97 -2.79
N LEU B 226 -5.09 -16.68 -1.67
CA LEU B 226 -5.20 -16.10 -0.33
C LEU B 226 -3.87 -15.41 -0.03
N VAL B 227 -3.94 -14.16 0.40
CA VAL B 227 -2.74 -13.40 0.73
C VAL B 227 -2.84 -12.86 2.14
N LEU B 228 -1.74 -13.01 2.88
CA LEU B 228 -1.52 -12.26 4.12
C LEU B 228 -0.35 -11.29 3.88
N GLU B 229 -0.59 -10.00 4.07
CA GLU B 229 0.45 -9.00 3.85
C GLU B 229 0.95 -8.50 5.20
N VAL B 230 2.26 -8.58 5.40
CA VAL B 230 2.94 -8.18 6.64
C VAL B 230 3.68 -6.87 6.39
N GLY B 231 3.55 -5.91 7.32
CA GLY B 231 4.09 -4.56 7.13
C GLY B 231 3.53 -3.58 8.14
N ASN B 232 2.37 -3.00 7.83
CA ASN B 232 1.57 -2.24 8.80
C ASN B 232 0.57 -3.18 9.52
N GLY B 233 1.11 -4.02 10.40
CA GLY B 233 0.36 -5.11 11.00
C GLY B 233 0.26 -6.25 10.00
N VAL B 234 -0.83 -7.00 10.07
CA VAL B 234 -1.11 -8.10 9.13
C VAL B 234 -2.48 -7.89 8.50
N GLU B 235 -2.51 -7.91 7.16
CA GLU B 235 -3.68 -7.59 6.34
C GLU B 235 -4.04 -8.84 5.50
N ARG B 236 -5.30 -9.27 5.55
CA ARG B 236 -5.77 -10.43 4.79
C ARG B 236 -6.56 -9.95 3.60
N TYR B 237 -6.29 -10.52 2.43
CA TYR B 237 -7.11 -10.27 1.25
C TYR B 237 -6.96 -11.41 0.23
N THR B 238 -7.90 -11.45 -0.72
CA THR B 238 -7.95 -12.49 -1.75
C THR B 238 -7.72 -11.87 -3.11
N LEU B 239 -6.92 -12.53 -3.92
CA LEU B 239 -6.63 -12.11 -5.29
C LEU B 239 -7.20 -13.14 -6.26
N SER B 240 -7.29 -12.72 -7.50
CA SER B 240 -7.70 -13.57 -8.62
C SER B 240 -6.88 -13.13 -9.83
N PRO B 241 -6.93 -13.90 -10.92
CA PRO B 241 -6.19 -13.48 -12.13
C PRO B 241 -6.59 -12.10 -12.69
N GLU B 242 -7.84 -11.70 -12.44
CA GLU B 242 -8.37 -10.39 -12.85
C GLU B 242 -7.58 -9.24 -12.21
N ASP B 243 -7.18 -9.42 -10.95
CA ASP B 243 -6.38 -8.44 -10.21
C ASP B 243 -4.98 -8.17 -10.79
N PHE B 244 -4.46 -9.10 -11.59
CA PHE B 244 -3.18 -8.92 -12.30
C PHE B 244 -3.36 -8.50 -13.76
N GLY B 245 -4.60 -8.55 -14.23
CA GLY B 245 -4.96 -8.15 -15.60
C GLY B 245 -4.74 -9.24 -16.62
N ILE B 246 -5.00 -10.49 -16.24
CA ILE B 246 -4.83 -11.62 -17.16
C ILE B 246 -6.05 -12.50 -17.15
N GLU B 247 -6.19 -13.31 -18.20
CA GLU B 247 -7.24 -14.30 -18.28
C GLU B 247 -6.78 -15.49 -17.44
N PRO B 248 -7.72 -16.11 -16.70
CA PRO B 248 -7.34 -17.32 -16.00
C PRO B 248 -6.65 -18.33 -16.91
N VAL B 249 -5.64 -19.01 -16.41
CA VAL B 249 -4.99 -20.08 -17.15
C VAL B 249 -4.39 -21.10 -16.20
N LYS B 250 -4.55 -22.38 -16.53
CA LYS B 250 -4.05 -23.47 -15.72
C LYS B 250 -2.56 -23.67 -16.06
N PRO B 251 -1.69 -23.71 -15.04
CA PRO B 251 -0.29 -24.04 -15.30
C PRO B 251 -0.16 -25.53 -15.61
N LEU B 252 0.71 -25.85 -16.56
CA LEU B 252 0.88 -27.22 -17.05
C LEU B 252 2.17 -27.86 -16.56
N PRO B 253 2.20 -29.21 -16.39
CA PRO B 253 3.29 -29.88 -15.63
C PRO B 253 4.67 -29.82 -16.25
N CYS B 254 5.66 -30.22 -15.45
CA CYS B 254 7.05 -30.16 -15.80
C CYS B 254 7.72 -31.48 -15.35
N SER B 255 8.64 -31.98 -16.17
CA SER B 255 9.21 -33.31 -15.98
C SER B 255 10.54 -33.33 -15.21
N SER B 256 11.38 -32.33 -15.47
CA SER B 256 12.78 -32.33 -15.07
C SER B 256 13.34 -30.90 -15.00
N PRO B 257 14.46 -30.68 -14.26
CA PRO B 257 15.07 -29.34 -14.16
C PRO B 257 15.49 -28.73 -15.50
N GLU B 258 15.86 -29.58 -16.47
CA GLU B 258 16.30 -29.13 -17.78
C GLU B 258 15.12 -28.59 -18.60
N GLU B 259 13.96 -29.26 -18.48
CA GLU B 259 12.71 -28.77 -19.08
C GLU B 259 12.32 -27.43 -18.42
N SER B 260 12.44 -27.39 -17.09
CA SER B 260 12.13 -26.20 -16.27
C SER B 260 12.96 -24.99 -16.74
N ALA B 261 14.26 -25.23 -16.93
CA ALA B 261 15.20 -24.19 -17.36
C ALA B 261 14.89 -23.61 -18.74
N ALA B 262 14.58 -24.49 -19.68
CA ALA B 262 14.28 -24.09 -21.05
C ALA B 262 13.00 -23.27 -21.13
N ARG B 263 11.97 -23.71 -20.43
CA ARG B 263 10.68 -23.00 -20.43
C ARG B 263 10.75 -21.65 -19.76
N ILE B 264 11.49 -21.57 -18.66
CA ILE B 264 11.75 -20.32 -17.97
C ILE B 264 12.54 -19.37 -18.88
N LYS B 265 13.61 -19.88 -19.50
CA LYS B 265 14.47 -19.06 -20.35
C LYS B 265 13.67 -18.52 -21.54
N ALA B 266 12.84 -19.36 -22.15
CA ALA B 266 11.90 -18.93 -23.19
C ALA B 266 11.04 -17.74 -22.74
N VAL B 267 10.45 -17.85 -21.56
CA VAL B 267 9.63 -16.76 -20.99
C VAL B 267 10.48 -15.52 -20.70
N LEU B 268 11.65 -15.70 -20.10
CA LEU B 268 12.56 -14.58 -19.75
C LEU B 268 13.01 -13.77 -20.98
N GLY B 269 13.18 -14.44 -22.12
CA GLY B 269 13.56 -13.80 -23.38
C GLY B 269 12.42 -13.17 -24.17
N GLY B 270 11.21 -13.18 -23.62
CA GLY B 270 10.06 -12.50 -24.21
C GLY B 270 9.12 -13.40 -24.99
N SER B 271 9.37 -14.71 -24.92
CA SER B 271 8.69 -15.71 -25.75
C SER B 271 7.95 -16.70 -24.82
N GLY B 272 8.05 -18.00 -25.10
CA GLY B 272 7.55 -19.04 -24.22
C GLY B 272 6.07 -19.24 -24.30
N ARG B 273 5.59 -20.23 -23.55
CA ARG B 273 4.18 -20.68 -23.60
C ARG B 273 3.34 -19.74 -22.73
N ARG B 274 2.11 -19.45 -23.14
CA ARG B 274 1.20 -18.59 -22.37
C ARG B 274 1.04 -19.07 -20.91
N GLU B 275 0.79 -20.36 -20.73
CA GLU B 275 0.59 -20.95 -19.38
C GLU B 275 1.82 -20.81 -18.47
N ASP B 276 3.01 -20.81 -19.05
CA ASP B 276 4.24 -20.52 -18.32
C ASP B 276 4.45 -19.02 -18.09
N ARG B 277 4.25 -18.22 -19.13
CA ARG B 277 4.50 -16.78 -19.04
C ARG B 277 3.58 -16.15 -17.98
N ASP B 278 2.28 -16.39 -18.04
CA ASP B 278 1.33 -15.75 -17.12
C ASP B 278 1.48 -16.24 -15.67
N PHE B 279 1.93 -17.48 -15.51
CA PHE B 279 2.15 -18.08 -14.19
C PHE B 279 3.38 -17.46 -13.54
N ILE B 280 4.43 -17.27 -14.34
CA ILE B 280 5.64 -16.59 -13.88
C ILE B 280 5.33 -15.12 -13.56
N LEU B 281 4.56 -14.48 -14.43
CA LEU B 281 4.28 -13.04 -14.31
C LEU B 281 3.44 -12.68 -13.09
N VAL B 282 2.49 -13.53 -12.70
CA VAL B 282 1.68 -13.24 -11.48
C VAL B 282 2.52 -13.39 -10.22
N ASN B 283 3.50 -14.29 -10.28
CA ASN B 283 4.40 -14.50 -9.16
C ASN B 283 5.46 -13.40 -9.15
N ALA B 284 5.95 -12.99 -10.32
CA ALA B 284 6.85 -11.83 -10.41
C ALA B 284 6.18 -10.54 -9.93
N SER B 285 4.91 -10.36 -10.28
CA SER B 285 4.15 -9.20 -9.85
C SER B 285 4.09 -9.07 -8.33
N ALA B 286 3.80 -10.17 -7.66
CA ALA B 286 3.75 -10.23 -6.20
C ALA B 286 5.10 -9.82 -5.60
N ALA B 287 6.17 -10.32 -6.19
CA ALA B 287 7.54 -10.02 -5.73
C ALA B 287 7.90 -8.55 -5.91
N LEU B 288 7.51 -7.96 -7.06
CA LEU B 288 7.68 -6.51 -7.29
C LEU B 288 6.83 -5.69 -6.32
N TYR B 289 5.61 -6.14 -6.06
CA TYR B 289 4.80 -5.49 -5.04
C TYR B 289 5.42 -5.60 -3.64
N ALA B 290 5.79 -6.81 -3.21
CA ALA B 290 6.45 -7.01 -1.90
C ALA B 290 7.73 -6.19 -1.73
N SER B 291 8.49 -6.01 -2.80
CA SER B 291 9.72 -5.19 -2.80
C SER B 291 9.48 -3.68 -2.85
N GLY B 292 8.23 -3.25 -3.03
CA GLY B 292 7.92 -1.82 -3.13
C GLY B 292 8.32 -1.18 -4.43
N VAL B 293 8.63 -1.99 -5.43
CA VAL B 293 8.91 -1.53 -6.79
C VAL B 293 7.64 -1.17 -7.54
N ALA B 294 6.56 -1.91 -7.29
CA ALA B 294 5.28 -1.69 -7.95
C ALA B 294 4.25 -1.31 -6.91
N GLU B 295 3.34 -0.41 -7.29
CA GLU B 295 2.29 0.10 -6.39
C GLU B 295 1.20 -0.93 -6.16
N ASP B 296 0.87 -1.70 -7.19
CA ASP B 296 -0.16 -2.74 -7.10
C ASP B 296 0.21 -3.90 -8.04
N PHE B 297 -0.64 -4.92 -8.05
CA PHE B 297 -0.36 -6.19 -8.75
C PHE B 297 -0.47 -6.09 -10.27
N ARG B 298 -1.34 -5.20 -10.77
CA ARG B 298 -1.47 -4.93 -12.22
C ARG B 298 -0.21 -4.25 -12.73
N GLU B 299 0.23 -3.23 -12.02
CA GLU B 299 1.48 -2.54 -12.35
C GLU B 299 2.67 -3.50 -12.20
N GLY B 300 2.66 -4.35 -11.17
CA GLY B 300 3.70 -5.37 -10.99
C GLY B 300 3.84 -6.28 -12.19
N LEU B 301 2.71 -6.69 -12.76
CA LEU B 301 2.72 -7.52 -13.96
C LEU B 301 3.19 -6.75 -15.19
N GLU B 302 2.66 -5.54 -15.38
CA GLU B 302 3.07 -4.66 -16.49
C GLU B 302 4.60 -4.54 -16.51
N MET B 303 5.17 -4.12 -15.39
CA MET B 303 6.62 -3.92 -15.24
C MET B 303 7.41 -5.19 -15.50
N ALA B 304 6.95 -6.32 -14.97
CA ALA B 304 7.65 -7.60 -15.13
C ALA B 304 7.61 -8.08 -16.58
N ARG B 305 6.44 -7.98 -17.22
CA ARG B 305 6.29 -8.29 -18.67
C ARG B 305 7.22 -7.44 -19.55
N GLU B 306 7.38 -6.15 -19.23
CA GLU B 306 8.28 -5.25 -19.99
C GLU B 306 9.75 -5.51 -19.77
N ALA B 307 10.12 -6.06 -18.63
CA ALA B 307 11.51 -6.48 -18.37
C ALA B 307 11.93 -7.70 -19.18
N LEU B 308 10.98 -8.46 -19.73
CA LEU B 308 11.28 -9.67 -20.50
C LEU B 308 11.78 -9.27 -21.89
N GLY B 309 12.78 -9.99 -22.38
CA GLY B 309 13.40 -9.71 -23.68
C GLY B 309 14.88 -10.00 -23.68
N GLN B 310 15.58 -9.46 -24.67
CA GLN B 310 17.02 -9.69 -24.86
C GLN B 310 17.86 -9.22 -23.66
N GLY B 311 17.43 -8.12 -23.02
CA GLY B 311 18.13 -7.59 -21.84
C GLY B 311 18.13 -8.52 -20.63
N MET B 312 17.04 -9.26 -20.45
CA MET B 312 16.93 -10.27 -19.38
C MET B 312 17.81 -11.50 -19.63
N LEU B 313 17.89 -11.93 -20.89
CA LEU B 313 18.78 -13.04 -21.26
C LEU B 313 20.27 -12.69 -21.11
N GLU B 314 20.64 -11.45 -21.44
CA GLU B 314 22.03 -11.01 -21.20
C GLU B 314 22.26 -10.78 -19.68
N LYS B 315 21.23 -10.39 -18.94
CA LYS B 315 21.34 -10.32 -17.48
C LYS B 315 21.66 -11.68 -16.87
N LEU B 316 20.97 -12.70 -17.36
CA LEU B 316 21.18 -14.10 -16.98
C LEU B 316 22.57 -14.62 -17.36
N GLU B 317 23.02 -14.30 -18.58
CA GLU B 317 24.41 -14.59 -19.01
C GLU B 317 25.42 -14.00 -18.01
N GLU B 318 25.24 -12.74 -17.62
CA GLU B 318 26.18 -12.04 -16.72
C GLU B 318 26.17 -12.62 -15.30
N ILE B 319 24.98 -12.99 -14.81
CA ILE B 319 24.85 -13.71 -13.53
C ILE B 319 25.64 -15.04 -13.57
N ALA B 320 25.45 -15.81 -14.64
CA ALA B 320 26.11 -17.11 -14.80
C ALA B 320 27.61 -16.92 -14.86
N CYS B 321 28.08 -16.13 -15.83
CA CYS B 321 29.50 -15.76 -15.95
C CYS B 321 30.11 -15.38 -14.60
N LEU B 322 29.46 -14.46 -13.89
CA LEU B 322 29.99 -13.93 -12.62
C LEU B 322 29.96 -14.97 -11.47
N SER B 323 29.02 -15.92 -11.51
CA SER B 323 29.01 -17.01 -10.53
C SER B 323 30.19 -17.99 -10.70
N LYS B 324 30.71 -18.12 -11.92
CA LYS B 324 31.82 -19.03 -12.23
C LYS B 324 33.19 -18.35 -12.40
N SER B 325 33.25 -17.03 -12.29
CA SER B 325 34.50 -16.28 -12.57
C SER B 325 35.53 -16.38 -11.45
#